data_5D6R
#
_entry.id   5D6R
#
_cell.length_a   85.120
_cell.length_b   133.350
_cell.length_c   110.624
_cell.angle_alpha   90.000
_cell.angle_beta   95.400
_cell.angle_gamma   90.000
#
_symmetry.space_group_name_H-M   'I 1 2 1'
#
loop_
_entity.id
_entity.type
_entity.pdbx_description
1 polymer 'Acetolactate synthase, catabolic'
2 non-polymer 'MAGNESIUM ION'
3 non-polymer 'PHOSPHATE ION'
4 non-polymer 3-[(4-amino-2-methylpyrimidin-5-yl)methyl]-2-[(Z)-2-fluoro-1-hydroxy-2-phosphonoethenyl]-5-(2-{[(S)-hydroxy(phosphonooxy)phosphoryl]oxy}ethyl)-4-methyl-1,3-thiazol-3-ium
5 water water
#
_entity_poly.entity_id   1
_entity_poly.type   'polypeptide(L)'
_entity_poly.pdbx_seq_one_letter_code
;MGSSHHHHHHSSGLVPRGSHMDKQYPVRQWAHGADLVVSQLEAQGVRQVFGIPGAKIDKVFDSLLDSSIRIIPVRHEANA
AFMAAAVGRITGKAGVALVTSGPGCSNLITGMATANSEGDPVVALGGAVKRADKAKQVHQSMDTVAMFSPVTKYAIEVTA
PDALAEVVSNAFRAAEQGRPGSAFVSLPQDVVDGPVSGKVLPASGAPQMGAAPDDAIDQVAKLIAQAKNPIFLLGLMASQ
PENSKALRRLLETSHIPVTSTYQAAGAVNQDNFSRFAGRVGLFNNQAGDRLLQLADLVICIGYSPVEYEPAMWNSGNATL
VHIDVLPAYEERNYTPDVELVGDIAGTLNKLAQNIDHRLVLSPQAAEILRDRQHQRELLDRRGAQLNQFALHPLRIVRAM
QDIVNSDVTLTVDMGSFHIWIARYLYSFRARQVMISNGQQTMGVALPWAIGAWLVNPERKVVSVSGDGGFLQSSMELETA
VRLKANVLHLIWVDNGYNMVAIQEEKKYQRLSGVEFGPMDFKAYAESFGAKGFAVESAEALEPTLRAAMDVDGPAVVAIP
VDYRDNPLLMGQLHLSQIL
;
_entity_poly.pdbx_strand_id   B,M
#
# COMPACT_ATOMS: atom_id res chain seq x y z
N VAL A 27 33.90 21.48 -3.88
CA VAL A 27 33.51 21.22 -2.51
C VAL A 27 33.74 22.44 -1.64
N ARG A 28 32.74 22.78 -0.83
CA ARG A 28 32.78 23.98 0.02
C ARG A 28 32.12 23.69 1.36
N GLN A 29 32.54 24.44 2.38
CA GLN A 29 31.93 24.36 3.71
C GLN A 29 30.78 25.35 3.84
N TRP A 30 29.58 24.90 3.49
CA TRP A 30 28.41 25.78 3.46
C TRP A 30 27.92 26.12 4.86
N ALA A 31 27.53 27.38 5.05
CA ALA A 31 27.02 27.85 6.34
C ALA A 31 25.63 27.28 6.61
N HIS A 32 24.82 27.21 5.55
CA HIS A 32 23.46 26.69 5.65
C HIS A 32 23.17 25.77 4.47
N GLY A 33 22.49 24.67 4.74
CA GLY A 33 22.10 23.73 3.69
C GLY A 33 21.31 24.41 2.59
N ALA A 34 20.55 25.43 2.96
CA ALA A 34 19.73 26.17 2.02
C ALA A 34 20.58 26.82 0.92
N ASP A 35 21.80 27.23 1.29
CA ASP A 35 22.71 27.85 0.34
C ASP A 35 23.09 26.86 -0.76
N LEU A 36 23.41 25.64 -0.34
CA LEU A 36 23.76 24.58 -1.28
C LEU A 36 22.58 24.24 -2.19
N VAL A 37 21.37 24.27 -1.63
CA VAL A 37 20.16 23.99 -2.40
C VAL A 37 19.98 25.00 -3.52
N VAL A 38 20.12 26.29 -3.19
CA VAL A 38 19.93 27.35 -4.17
C VAL A 38 20.99 27.29 -5.25
N SER A 39 22.22 26.96 -4.86
CA SER A 39 23.32 26.85 -5.81
C SER A 39 23.07 25.70 -6.78
N GLN A 40 22.49 24.62 -6.26
CA GLN A 40 22.16 23.47 -7.10
C GLN A 40 21.07 23.86 -8.09
N LEU A 41 20.05 24.58 -7.62
CA LEU A 41 18.99 25.06 -8.49
C LEU A 41 19.55 25.93 -9.61
N GLU A 42 20.49 26.79 -9.26
CA GLU A 42 21.17 27.64 -10.25
C GLU A 42 21.85 26.78 -11.31
N ALA A 43 22.46 25.69 -10.88
CA ALA A 43 23.14 24.77 -11.79
C ALA A 43 22.13 24.10 -12.73
N GLN A 44 20.90 23.92 -12.25
CA GLN A 44 19.85 23.30 -13.05
C GLN A 44 19.24 24.28 -14.04
N GLY A 45 19.61 25.55 -13.94
CA GLY A 45 19.10 26.57 -14.83
C GLY A 45 17.69 27.03 -14.48
N VAL A 46 17.36 26.99 -13.20
CA VAL A 46 16.06 27.45 -12.72
C VAL A 46 16.00 28.97 -12.77
N ARG A 47 14.96 29.50 -13.41
CA ARG A 47 14.79 30.94 -13.56
C ARG A 47 13.91 31.51 -12.46
N GLN A 48 12.90 30.74 -12.05
CA GLN A 48 12.00 31.17 -10.99
C GLN A 48 11.51 29.98 -10.17
N VAL A 49 10.97 30.28 -9.00
CA VAL A 49 10.31 29.28 -8.17
C VAL A 49 8.93 29.79 -7.78
N PHE A 50 7.96 28.89 -7.77
CA PHE A 50 6.59 29.20 -7.39
C PHE A 50 6.30 28.61 -6.03
N GLY A 51 5.56 29.32 -5.18
CA GLY A 51 5.11 28.75 -3.93
C GLY A 51 4.78 29.72 -2.82
N ILE A 52 4.76 29.20 -1.60
CA ILE A 52 4.40 29.96 -0.41
C ILE A 52 5.34 29.58 0.73
N PRO A 53 5.90 30.59 1.44
CA PRO A 53 6.87 30.27 2.49
C PRO A 53 6.27 29.89 3.85
N GLY A 54 7.12 29.32 4.69
CA GLY A 54 6.77 28.98 6.06
C GLY A 54 8.06 28.88 6.86
N ALA A 55 7.96 28.79 8.17
CA ALA A 55 9.16 28.83 9.03
C ALA A 55 10.12 27.69 8.72
N LYS A 56 9.57 26.52 8.39
CA LYS A 56 10.38 25.32 8.23
C LYS A 56 11.21 25.36 6.95
N ILE A 57 10.88 26.27 6.05
CA ILE A 57 11.50 26.34 4.73
C ILE A 57 11.94 27.76 4.38
N ASP A 58 11.76 28.70 5.31
CA ASP A 58 11.99 30.11 5.01
C ASP A 58 13.46 30.41 4.67
N LYS A 59 14.36 29.55 5.12
CA LYS A 59 15.78 29.76 4.89
C LYS A 59 16.11 29.63 3.40
N VAL A 60 15.41 28.72 2.71
CA VAL A 60 15.61 28.55 1.28
C VAL A 60 15.08 29.78 0.55
N PHE A 61 13.92 30.29 0.99
CA PHE A 61 13.38 31.53 0.46
C PHE A 61 14.36 32.67 0.67
N ASP A 62 14.96 32.70 1.87
CA ASP A 62 15.92 33.73 2.22
C ASP A 62 17.16 33.63 1.33
N SER A 63 17.64 32.42 1.09
CA SER A 63 18.83 32.19 0.28
C SER A 63 18.60 32.58 -1.19
N LEU A 64 17.36 32.50 -1.63
CA LEU A 64 17.02 32.85 -3.02
C LEU A 64 17.18 34.35 -3.26
N LEU A 65 17.23 35.12 -2.19
CA LEU A 65 17.45 36.56 -2.30
C LEU A 65 18.85 36.86 -2.83
N ASP A 66 19.80 35.99 -2.50
CA ASP A 66 21.20 36.19 -2.88
C ASP A 66 21.53 35.48 -4.19
N SER A 67 20.49 35.12 -4.95
CA SER A 67 20.68 34.41 -6.21
C SER A 67 19.96 35.11 -7.35
N SER A 68 20.27 34.71 -8.57
CA SER A 68 19.62 35.23 -9.76
C SER A 68 18.18 34.72 -9.87
N ILE A 69 17.89 33.66 -9.12
CA ILE A 69 16.58 33.01 -9.19
C ILE A 69 15.49 33.93 -8.64
N ARG A 70 14.39 34.03 -9.39
CA ARG A 70 13.29 34.91 -9.04
C ARG A 70 12.26 34.20 -8.17
N ILE A 71 11.80 34.89 -7.13
CA ILE A 71 10.77 34.35 -6.25
C ILE A 71 9.39 34.81 -6.70
N ILE A 72 8.50 33.85 -6.93
CA ILE A 72 7.12 34.14 -7.34
C ILE A 72 6.13 33.57 -6.34
N PRO A 73 5.73 34.38 -5.34
CA PRO A 73 4.68 33.97 -4.40
C PRO A 73 3.36 33.69 -5.10
N VAL A 74 2.75 32.54 -4.81
CA VAL A 74 1.42 32.24 -5.29
C VAL A 74 0.44 32.37 -4.13
N ARG A 75 -0.85 32.14 -4.41
CA ARG A 75 -1.88 32.29 -3.39
C ARG A 75 -2.40 30.93 -2.92
N HIS A 76 -2.09 29.88 -3.68
CA HIS A 76 -2.40 28.52 -3.27
C HIS A 76 -1.36 27.57 -3.86
N GLU A 77 -0.82 26.68 -3.03
CA GLU A 77 0.31 25.84 -3.43
C GLU A 77 0.00 24.98 -4.66
N ALA A 78 -1.24 24.52 -4.77
CA ALA A 78 -1.66 23.69 -5.89
C ALA A 78 -1.30 24.36 -7.22
N ASN A 79 -1.40 25.68 -7.24
CA ASN A 79 -1.15 26.45 -8.46
C ASN A 79 0.33 26.60 -8.74
N ALA A 80 1.16 26.48 -7.71
CA ALA A 80 2.60 26.50 -7.88
C ALA A 80 3.02 25.28 -8.71
N ALA A 81 2.40 24.14 -8.42
CA ALA A 81 2.64 22.91 -9.15
C ALA A 81 2.16 23.04 -10.60
N PHE A 82 1.03 23.70 -10.79
CA PHE A 82 0.47 23.90 -12.12
C PHE A 82 1.36 24.83 -12.94
N MET A 83 1.78 25.94 -12.34
CA MET A 83 2.66 26.88 -13.01
C MET A 83 4.00 26.21 -13.34
N ALA A 84 4.48 25.39 -12.42
CA ALA A 84 5.74 24.70 -12.58
C ALA A 84 5.68 23.73 -13.76
N ALA A 85 4.53 23.08 -13.92
CA ALA A 85 4.34 22.11 -15.00
C ALA A 85 4.39 22.81 -16.35
N ALA A 86 3.77 23.97 -16.45
CA ALA A 86 3.76 24.75 -17.68
C ALA A 86 5.18 25.12 -18.10
N VAL A 87 5.99 25.54 -17.12
CA VAL A 87 7.38 25.85 -17.36
C VAL A 87 8.14 24.61 -17.83
N GLY A 88 7.80 23.47 -17.25
CA GLY A 88 8.45 22.21 -17.58
C GLY A 88 8.16 21.74 -18.98
N ARG A 89 6.90 21.81 -19.37
CA ARG A 89 6.46 21.32 -20.68
C ARG A 89 7.16 22.06 -21.81
N ILE A 90 7.36 23.37 -21.62
CA ILE A 90 7.92 24.22 -22.64
C ILE A 90 9.44 24.11 -22.71
N THR A 91 10.10 24.43 -21.60
CA THR A 91 11.55 24.49 -21.57
C THR A 91 12.20 23.12 -21.57
N GLY A 92 11.48 22.12 -21.07
CA GLY A 92 12.04 20.78 -20.91
C GLY A 92 12.87 20.66 -19.66
N LYS A 93 13.08 21.79 -18.98
CA LYS A 93 13.72 21.82 -17.67
C LYS A 93 12.64 21.92 -16.61
N ALA A 94 12.80 21.16 -15.52
CA ALA A 94 11.77 21.07 -14.49
C ALA A 94 11.43 22.43 -13.89
N GLY A 95 10.14 22.74 -13.83
CA GLY A 95 9.66 23.89 -13.09
C GLY A 95 9.75 23.57 -11.61
N VAL A 96 9.90 24.59 -10.78
CA VAL A 96 10.17 24.38 -9.37
C VAL A 96 9.10 24.98 -8.47
N ALA A 97 8.52 24.14 -7.62
CA ALA A 97 7.59 24.58 -6.59
C ALA A 97 8.30 24.53 -5.24
N LEU A 98 8.04 25.52 -4.39
CA LEU A 98 8.69 25.62 -3.08
C LEU A 98 7.67 25.94 -1.99
N VAL A 99 7.44 24.97 -1.11
CA VAL A 99 6.43 25.11 -0.06
C VAL A 99 6.99 24.72 1.30
N THR A 100 6.24 25.06 2.36
CA THR A 100 6.61 24.69 3.71
C THR A 100 5.97 23.34 4.06
N SER A 101 6.21 22.87 5.28
CA SER A 101 5.78 21.54 5.69
C SER A 101 4.28 21.45 5.94
N GLY A 102 3.81 20.23 6.18
CA GLY A 102 2.42 19.98 6.52
C GLY A 102 1.47 20.38 5.41
N PRO A 103 0.57 21.35 5.68
CA PRO A 103 -0.40 21.73 4.65
C PRO A 103 0.24 22.31 3.39
N GLY A 104 1.43 22.88 3.54
CA GLY A 104 2.16 23.41 2.41
C GLY A 104 2.46 22.31 1.40
N CYS A 105 2.81 21.13 1.92
CA CYS A 105 3.09 19.99 1.07
C CYS A 105 1.82 19.32 0.56
N SER A 106 0.89 19.03 1.45
CA SER A 106 -0.30 18.27 1.07
C SER A 106 -1.15 19.03 0.04
N ASN A 107 -1.01 20.36 0.02
CA ASN A 107 -1.72 21.19 -0.97
C ASN A 107 -1.14 21.06 -2.39
N LEU A 108 -0.01 20.36 -2.53
CA LEU A 108 0.62 20.17 -3.83
C LEU A 108 0.16 18.92 -4.56
N ILE A 109 -0.39 17.97 -3.81
CA ILE A 109 -0.55 16.60 -4.30
C ILE A 109 -1.34 16.48 -5.59
N THR A 110 -2.43 17.24 -5.73
CA THR A 110 -3.23 17.20 -6.95
C THR A 110 -2.42 17.79 -8.11
N GLY A 111 -1.71 18.88 -7.83
CA GLY A 111 -0.86 19.50 -8.83
C GLY A 111 0.22 18.55 -9.31
N MET A 112 0.82 17.83 -8.39
CA MET A 112 1.91 16.91 -8.71
C MET A 112 1.41 15.70 -9.49
N ALA A 113 0.20 15.25 -9.16
CA ALA A 113 -0.41 14.12 -9.86
C ALA A 113 -0.74 14.50 -11.31
N THR A 114 -1.21 15.72 -11.49
CA THR A 114 -1.56 16.22 -12.82
C THR A 114 -0.34 16.35 -13.70
N ALA A 115 0.75 16.86 -13.12
CA ALA A 115 2.01 17.01 -13.85
C ALA A 115 2.57 15.64 -14.23
N ASN A 116 2.52 14.70 -13.29
CA ASN A 116 3.09 13.38 -13.51
C ASN A 116 2.37 12.61 -14.62
N SER A 117 1.04 12.69 -14.63
CA SER A 117 0.25 11.95 -15.59
C SER A 117 0.37 12.55 -17.00
N GLU A 118 0.69 13.84 -17.07
CA GLU A 118 0.87 14.52 -18.35
C GLU A 118 2.31 14.51 -18.82
N GLY A 119 3.20 14.03 -17.97
CA GLY A 119 4.62 13.96 -18.30
C GLY A 119 5.30 15.32 -18.28
N ASP A 120 4.85 16.19 -17.38
CA ASP A 120 5.47 17.49 -17.20
C ASP A 120 6.55 17.43 -16.12
N PRO A 121 7.79 17.82 -16.46
CA PRO A 121 8.84 17.79 -15.44
C PRO A 121 8.64 18.85 -14.36
N VAL A 122 8.50 18.38 -13.12
CA VAL A 122 8.30 19.29 -11.99
C VAL A 122 9.12 18.79 -10.80
N VAL A 123 9.78 19.72 -10.11
CA VAL A 123 10.47 19.41 -8.87
C VAL A 123 9.89 20.27 -7.75
N ALA A 124 9.27 19.62 -6.79
CA ALA A 124 8.72 20.30 -5.63
C ALA A 124 9.64 20.12 -4.45
N LEU A 125 10.09 21.24 -3.89
CA LEU A 125 10.86 21.23 -2.65
C LEU A 125 9.95 21.61 -1.50
N GLY A 126 9.73 20.65 -0.60
CA GLY A 126 8.79 20.82 0.51
C GLY A 126 9.49 20.77 1.84
N GLY A 127 9.22 21.77 2.68
CA GLY A 127 9.77 21.80 4.02
C GLY A 127 9.26 20.65 4.86
N ALA A 128 9.97 20.37 5.95
CA ALA A 128 9.57 19.33 6.89
C ALA A 128 10.04 19.70 8.27
N VAL A 129 9.45 19.10 9.30
CA VAL A 129 9.87 19.33 10.67
C VAL A 129 11.32 18.91 10.84
N LYS A 130 11.96 19.38 11.91
CA LYS A 130 13.34 18.99 12.18
C LYS A 130 13.43 17.48 12.33
N ARG A 131 14.60 16.95 12.00
CA ARG A 131 14.85 15.51 12.02
C ARG A 131 14.55 14.92 13.40
N ALA A 132 14.82 15.68 14.45
CA ALA A 132 14.62 15.23 15.81
C ALA A 132 13.14 15.17 16.20
N ASP A 133 12.31 15.96 15.53
CA ASP A 133 10.89 16.03 15.84
C ASP A 133 10.07 15.02 15.04
N LYS A 134 10.72 14.29 14.14
CA LYS A 134 10.03 13.29 13.34
C LYS A 134 9.78 12.04 14.17
N ALA A 135 10.66 11.80 15.15
CA ALA A 135 10.54 10.64 16.01
C ALA A 135 9.54 10.88 17.15
N LYS A 136 9.38 12.14 17.54
CA LYS A 136 8.45 12.51 18.60
C LYS A 136 6.98 12.44 18.17
N GLN A 137 6.74 12.36 16.86
CA GLN A 137 5.38 12.25 16.33
C GLN A 137 4.57 13.53 16.54
N VAL A 138 5.23 14.68 16.47
CA VAL A 138 4.61 15.97 16.74
C VAL A 138 3.72 16.41 15.58
N HIS A 139 2.89 17.42 15.84
CA HIS A 139 2.02 17.98 14.81
C HIS A 139 2.83 18.44 13.60
N GLN A 140 2.20 18.38 12.42
CA GLN A 140 2.79 18.86 11.18
C GLN A 140 3.86 17.90 10.66
N SER A 141 3.95 16.73 11.27
CA SER A 141 4.90 15.69 10.86
C SER A 141 4.25 14.66 9.94
N MET A 142 3.72 15.10 8.80
CA MET A 142 3.13 14.18 7.83
C MET A 142 4.18 13.29 7.22
N ASP A 143 3.80 12.04 6.93
CA ASP A 143 4.62 11.17 6.10
C ASP A 143 4.40 11.56 4.64
N THR A 144 4.98 12.70 4.26
CA THR A 144 4.76 13.27 2.94
C THR A 144 5.27 12.37 1.82
N VAL A 145 6.40 11.71 2.04
CA VAL A 145 6.98 10.82 1.04
C VAL A 145 5.99 9.70 0.69
N ALA A 146 5.32 9.17 1.70
CA ALA A 146 4.34 8.12 1.47
C ALA A 146 3.16 8.67 0.69
N MET A 147 2.82 9.92 0.96
CA MET A 147 1.67 10.57 0.32
C MET A 147 1.95 10.91 -1.15
N PHE A 148 3.20 11.26 -1.44
CA PHE A 148 3.58 11.69 -2.79
C PHE A 148 4.01 10.56 -3.70
N SER A 149 4.40 9.42 -3.13
CA SER A 149 4.92 8.30 -3.90
C SER A 149 3.98 7.81 -5.01
N PRO A 150 2.68 7.65 -4.70
CA PRO A 150 1.76 7.11 -5.72
C PRO A 150 1.53 8.03 -6.92
N VAL A 151 1.96 9.29 -6.83
CA VAL A 151 1.67 10.27 -7.86
C VAL A 151 2.93 11.00 -8.35
N THR A 152 4.08 10.38 -8.14
CA THR A 152 5.35 10.95 -8.60
C THR A 152 6.29 9.86 -9.12
N LYS A 153 7.25 10.26 -9.93
CA LYS A 153 8.32 9.37 -10.35
C LYS A 153 9.29 9.17 -9.20
N TYR A 154 9.43 10.21 -8.38
CA TYR A 154 10.50 10.28 -7.40
C TYR A 154 10.04 11.03 -6.15
N ALA A 155 10.18 10.39 -4.99
CA ALA A 155 9.80 10.99 -3.72
C ALA A 155 10.78 10.54 -2.64
N ILE A 156 11.40 11.52 -1.99
CA ILE A 156 12.48 11.23 -1.05
C ILE A 156 12.59 12.32 0.00
N GLU A 157 13.07 11.94 1.19
CA GLU A 157 13.35 12.91 2.25
C GLU A 157 14.84 12.92 2.55
N VAL A 158 15.42 14.12 2.62
CA VAL A 158 16.84 14.27 2.92
C VAL A 158 17.09 14.12 4.43
N THR A 159 17.60 12.96 4.82
CA THR A 159 17.87 12.67 6.22
C THR A 159 19.36 12.85 6.55
N ALA A 160 20.20 12.86 5.52
CA ALA A 160 21.63 13.08 5.69
C ALA A 160 22.05 14.36 4.96
N PRO A 161 22.55 15.36 5.71
CA PRO A 161 22.95 16.63 5.09
C PRO A 161 24.00 16.49 3.97
N ASP A 162 24.85 15.46 4.06
CA ASP A 162 25.88 15.24 3.05
C ASP A 162 25.28 14.95 1.68
N ALA A 163 24.08 14.36 1.67
CA ALA A 163 23.43 13.93 0.44
C ALA A 163 22.52 15.03 -0.14
N LEU A 164 22.57 16.22 0.44
CA LEU A 164 21.64 17.28 0.09
C LEU A 164 21.68 17.64 -1.39
N ALA A 165 22.88 17.93 -1.92
CA ALA A 165 23.00 18.30 -3.32
C ALA A 165 22.71 17.12 -4.24
N GLU A 166 23.11 15.93 -3.81
CA GLU A 166 22.88 14.71 -4.59
C GLU A 166 21.39 14.46 -4.80
N VAL A 167 20.61 14.61 -3.72
CA VAL A 167 19.19 14.32 -3.76
C VAL A 167 18.44 15.30 -4.66
N VAL A 168 18.82 16.57 -4.62
CA VAL A 168 18.17 17.57 -5.45
C VAL A 168 18.44 17.30 -6.92
N SER A 169 19.69 17.04 -7.26
CA SER A 169 20.08 16.73 -8.63
C SER A 169 19.33 15.49 -9.13
N ASN A 170 19.23 14.47 -8.28
CA ASN A 170 18.51 13.25 -8.63
C ASN A 170 17.03 13.52 -8.91
N ALA A 171 16.46 14.49 -8.20
CA ALA A 171 15.07 14.85 -8.42
C ALA A 171 14.88 15.43 -9.81
N PHE A 172 15.76 16.34 -10.20
CA PHE A 172 15.72 16.95 -11.53
C PHE A 172 15.95 15.91 -12.62
N ARG A 173 16.89 15.00 -12.40
CA ARG A 173 17.15 13.93 -13.35
C ARG A 173 15.93 13.03 -13.51
N ALA A 174 15.32 12.65 -12.39
CA ALA A 174 14.12 11.82 -12.43
C ALA A 174 12.99 12.55 -13.14
N ALA A 175 12.88 13.84 -12.89
CA ALA A 175 11.80 14.63 -13.47
C ALA A 175 11.97 14.85 -14.97
N GLU A 176 13.21 15.11 -15.39
CA GLU A 176 13.48 15.56 -16.75
C GLU A 176 13.83 14.42 -17.71
N GLN A 177 14.45 13.36 -17.21
CA GLN A 177 14.95 12.28 -18.07
C GLN A 177 13.89 11.22 -18.32
N GLY A 178 14.16 10.36 -19.29
CA GLY A 178 13.22 9.33 -19.70
C GLY A 178 11.91 9.95 -20.14
N ARG A 179 10.79 9.29 -19.79
CA ARG A 179 9.48 9.90 -19.92
C ARG A 179 9.29 10.83 -18.72
N PRO A 180 9.31 12.15 -18.94
CA PRO A 180 9.37 13.08 -17.79
C PRO A 180 8.21 12.93 -16.81
N GLY A 181 8.39 13.47 -15.60
CA GLY A 181 7.36 13.41 -14.58
C GLY A 181 7.68 14.31 -13.40
N SER A 182 6.85 14.24 -12.36
CA SER A 182 7.03 15.09 -11.19
C SER A 182 7.89 14.40 -10.12
N ALA A 183 8.63 15.20 -9.36
CA ALA A 183 9.50 14.71 -8.30
C ALA A 183 9.33 15.54 -7.03
N PHE A 184 9.39 14.86 -5.88
CA PHE A 184 9.19 15.52 -4.59
C PHE A 184 10.37 15.30 -3.65
N VAL A 185 10.82 16.37 -3.00
CA VAL A 185 11.92 16.31 -2.05
C VAL A 185 11.49 16.95 -0.72
N SER A 186 11.55 16.16 0.35
CA SER A 186 11.24 16.65 1.69
C SER A 186 12.52 17.15 2.35
N LEU A 187 12.51 18.41 2.78
CA LEU A 187 13.69 19.06 3.37
C LEU A 187 13.48 19.41 4.84
N PRO A 188 14.00 18.58 5.77
CA PRO A 188 13.88 18.91 7.18
C PRO A 188 14.48 20.27 7.52
N GLN A 189 13.86 20.97 8.47
CA GLN A 189 14.24 22.35 8.79
C GLN A 189 15.70 22.46 9.22
N ASP A 190 16.15 21.51 10.04
CA ASP A 190 17.51 21.56 10.58
C ASP A 190 18.56 21.29 9.51
N VAL A 191 18.17 20.59 8.44
CA VAL A 191 19.11 20.25 7.37
C VAL A 191 19.38 21.48 6.50
N VAL A 192 18.33 22.24 6.20
CA VAL A 192 18.48 23.44 5.37
C VAL A 192 19.02 24.61 6.19
N ASP A 193 18.77 24.59 7.50
CA ASP A 193 19.26 25.65 8.39
C ASP A 193 20.68 25.36 8.88
N GLY A 194 20.98 24.09 9.13
CA GLY A 194 22.27 23.70 9.65
C GLY A 194 23.36 23.74 8.59
N PRO A 195 24.63 23.69 9.01
CA PRO A 195 25.75 23.72 8.08
C PRO A 195 25.91 22.39 7.34
N VAL A 196 26.58 22.42 6.19
CA VAL A 196 26.79 21.21 5.40
C VAL A 196 28.07 21.30 4.57
N SER A 197 28.72 20.16 4.38
CA SER A 197 29.88 20.04 3.52
C SER A 197 29.50 19.28 2.25
N GLY A 198 29.78 19.88 1.09
CA GLY A 198 29.48 19.24 -0.17
C GLY A 198 29.71 20.17 -1.35
N LYS A 199 29.45 19.67 -2.56
CA LYS A 199 29.61 20.46 -3.77
C LYS A 199 28.36 20.41 -4.65
N VAL A 200 28.26 21.36 -5.57
CA VAL A 200 27.20 21.35 -6.56
C VAL A 200 27.47 20.28 -7.60
N LEU A 201 26.41 19.64 -8.08
CA LEU A 201 26.50 18.65 -9.14
C LEU A 201 26.12 19.27 -10.48
N PRO A 202 27.07 19.37 -11.43
CA PRO A 202 26.74 19.97 -12.74
C PRO A 202 25.58 19.28 -13.43
N ALA A 203 24.78 20.03 -14.17
CA ALA A 203 23.60 19.47 -14.83
C ALA A 203 24.03 18.50 -15.94
N SER A 204 23.49 17.30 -15.88
CA SER A 204 23.79 16.26 -16.87
C SER A 204 22.66 16.14 -17.88
N PRO A 207 21.32 10.01 -19.40
CA PRO A 207 20.44 11.05 -19.93
C PRO A 207 20.38 11.03 -21.45
N GLN A 208 21.34 11.69 -22.11
CA GLN A 208 21.39 11.70 -23.57
C GLN A 208 21.86 10.38 -24.14
N MET A 209 20.90 9.66 -24.73
CA MET A 209 21.11 8.35 -25.31
C MET A 209 21.25 8.49 -26.83
N GLY A 210 21.84 7.48 -27.47
CA GLY A 210 22.07 7.52 -28.91
C GLY A 210 20.90 6.94 -29.70
N ALA A 211 20.89 7.19 -31.01
CA ALA A 211 19.83 6.67 -31.86
C ALA A 211 19.83 5.15 -31.91
N ALA A 212 18.73 4.57 -32.38
CA ALA A 212 18.60 3.13 -32.46
C ALA A 212 19.61 2.50 -33.43
N PRO A 213 19.89 1.20 -33.27
CA PRO A 213 20.87 0.49 -34.11
C PRO A 213 20.51 0.53 -35.59
N ASP A 214 21.52 0.63 -36.45
CA ASP A 214 21.28 0.66 -37.89
C ASP A 214 20.55 -0.60 -38.35
N ASP A 215 20.94 -1.74 -37.80
CA ASP A 215 20.31 -3.01 -38.14
C ASP A 215 18.84 -3.04 -37.73
N ALA A 216 18.49 -2.26 -36.71
CA ALA A 216 17.10 -2.18 -36.26
C ALA A 216 16.30 -1.26 -37.16
N ILE A 217 16.94 -0.20 -37.62
CA ILE A 217 16.28 0.80 -38.47
C ILE A 217 16.03 0.24 -39.87
N ASP A 218 17.01 -0.48 -40.42
CA ASP A 218 16.84 -1.11 -41.72
C ASP A 218 15.72 -2.14 -41.68
N GLN A 219 15.53 -2.74 -40.50
CA GLN A 219 14.47 -3.73 -40.31
C GLN A 219 13.09 -3.08 -40.40
N VAL A 220 12.97 -1.86 -39.86
CA VAL A 220 11.72 -1.12 -39.89
C VAL A 220 11.49 -0.53 -41.27
N ALA A 221 12.57 -0.05 -41.89
CA ALA A 221 12.49 0.51 -43.24
C ALA A 221 11.96 -0.53 -44.21
N LYS A 222 12.33 -1.79 -43.98
CA LYS A 222 11.87 -2.89 -44.82
C LYS A 222 10.37 -3.13 -44.64
N LEU A 223 9.88 -2.99 -43.42
CA LEU A 223 8.47 -3.21 -43.14
C LEU A 223 7.60 -2.13 -43.77
N ILE A 224 8.10 -0.90 -43.76
CA ILE A 224 7.38 0.23 -44.35
C ILE A 224 7.22 0.04 -45.86
N ALA A 225 8.29 -0.42 -46.50
CA ALA A 225 8.28 -0.64 -47.94
C ALA A 225 7.27 -1.72 -48.33
N GLN A 226 7.22 -2.78 -47.53
CA GLN A 226 6.35 -3.92 -47.82
C GLN A 226 4.92 -3.69 -47.32
N ALA A 227 4.69 -2.59 -46.63
CA ALA A 227 3.38 -2.29 -46.04
C ALA A 227 2.52 -1.49 -47.01
N LYS A 228 1.20 -1.66 -46.89
CA LYS A 228 0.24 -1.01 -47.79
C LYS A 228 -0.67 -0.02 -47.06
N ASN A 229 -0.78 -0.18 -45.74
CA ASN A 229 -1.54 0.77 -44.92
C ASN A 229 -0.80 1.14 -43.65
N PRO A 230 0.39 1.74 -43.80
CA PRO A 230 1.14 2.16 -42.62
C PRO A 230 0.50 3.38 -41.96
N ILE A 231 0.70 3.53 -40.65
CA ILE A 231 0.24 4.73 -39.95
C ILE A 231 1.07 5.00 -38.69
N PHE A 232 1.40 6.26 -38.49
CA PHE A 232 2.10 6.67 -37.28
C PHE A 232 1.12 7.00 -36.16
N LEU A 233 1.33 6.41 -35.00
CA LEU A 233 0.60 6.78 -33.79
C LEU A 233 1.55 7.55 -32.89
N LEU A 234 1.29 8.84 -32.74
CA LEU A 234 2.20 9.71 -32.00
C LEU A 234 1.78 9.87 -30.55
N GLY A 235 2.73 9.65 -29.65
CA GLY A 235 2.53 9.83 -28.23
C GLY A 235 3.36 10.98 -27.70
N LEU A 236 3.35 11.15 -26.37
CA LEU A 236 3.97 12.28 -25.70
C LEU A 236 5.33 12.70 -26.24
N MET A 237 6.28 11.77 -26.29
CA MET A 237 7.66 12.12 -26.58
C MET A 237 7.85 12.60 -28.01
N ALA A 238 6.92 12.24 -28.90
CA ALA A 238 6.98 12.70 -30.28
C ALA A 238 6.72 14.20 -30.36
N SER A 239 6.14 14.76 -29.30
CA SER A 239 5.74 16.16 -29.29
C SER A 239 6.80 17.06 -28.64
N GLN A 240 7.89 16.46 -28.18
CA GLN A 240 8.95 17.26 -27.53
C GLN A 240 9.65 18.12 -28.57
N PRO A 241 10.15 19.30 -28.15
CA PRO A 241 10.77 20.24 -29.10
C PRO A 241 11.95 19.65 -29.85
N GLU A 242 12.76 18.85 -29.18
CA GLU A 242 13.98 18.30 -29.78
C GLU A 242 13.68 17.29 -30.89
N ASN A 243 12.41 16.89 -31.01
CA ASN A 243 12.00 15.89 -31.98
C ASN A 243 11.22 16.48 -33.16
N SER A 244 10.93 17.77 -33.10
CA SER A 244 10.07 18.41 -34.09
C SER A 244 10.62 18.29 -35.52
N LYS A 245 11.86 18.72 -35.72
CA LYS A 245 12.47 18.69 -37.04
C LYS A 245 12.62 17.26 -37.57
N ALA A 246 13.06 16.36 -36.71
CA ALA A 246 13.25 14.96 -37.10
C ALA A 246 11.93 14.32 -37.47
N LEU A 247 10.87 14.71 -36.78
CA LEU A 247 9.52 14.21 -37.06
C LEU A 247 9.04 14.72 -38.41
N ARG A 248 9.23 16.02 -38.65
CA ARG A 248 8.81 16.64 -39.89
C ARG A 248 9.57 16.04 -41.08
N ARG A 249 10.84 15.71 -40.86
CA ARG A 249 11.66 15.10 -41.89
C ARG A 249 11.13 13.73 -42.28
N LEU A 250 10.65 12.97 -41.29
CA LEU A 250 10.16 11.63 -41.52
C LEU A 250 8.81 11.63 -42.22
N LEU A 251 7.97 12.61 -41.89
CA LEU A 251 6.64 12.72 -42.47
C LEU A 251 6.70 13.18 -43.92
N GLU A 252 7.61 14.10 -44.20
CA GLU A 252 7.75 14.63 -45.56
C GLU A 252 8.40 13.60 -46.48
N THR A 253 9.22 12.72 -45.91
CA THR A 253 9.90 11.68 -46.67
C THR A 253 8.99 10.48 -46.92
N SER A 254 8.17 10.14 -45.94
CA SER A 254 7.34 8.93 -46.01
C SER A 254 5.92 9.22 -46.48
N HIS A 255 5.38 10.39 -46.09
CA HIS A 255 3.99 10.73 -46.33
C HIS A 255 3.03 9.66 -45.79
N ILE A 256 3.45 9.00 -44.72
CA ILE A 256 2.59 8.06 -44.01
C ILE A 256 1.60 8.85 -43.16
N PRO A 257 0.32 8.45 -43.14
CA PRO A 257 -0.66 9.20 -42.35
C PRO A 257 -0.33 9.21 -40.86
N VAL A 258 -0.85 10.20 -40.15
CA VAL A 258 -0.54 10.40 -38.73
C VAL A 258 -1.80 10.57 -37.89
N THR A 259 -1.77 10.00 -36.69
CA THR A 259 -2.79 10.25 -35.69
C THR A 259 -2.09 10.34 -34.34
N SER A 260 -2.57 11.24 -33.48
CA SER A 260 -1.89 11.54 -32.23
C SER A 260 -2.78 11.33 -31.01
N THR A 261 -2.16 11.01 -29.88
CA THR A 261 -2.84 11.06 -28.59
C THR A 261 -2.95 12.52 -28.21
N TYR A 262 -3.75 12.83 -27.19
CA TYR A 262 -3.94 14.22 -26.79
C TYR A 262 -2.70 14.76 -26.08
N GLN A 263 -1.83 13.87 -25.60
CA GLN A 263 -0.56 14.29 -25.04
C GLN A 263 0.39 14.74 -26.16
N ALA A 264 0.09 14.31 -27.38
CA ALA A 264 0.86 14.72 -28.56
C ALA A 264 -0.02 15.54 -29.49
N ALA A 265 -1.00 16.23 -28.91
CA ALA A 265 -1.98 16.99 -29.67
C ALA A 265 -1.32 18.04 -30.56
N GLY A 266 -0.24 18.64 -30.09
CA GLY A 266 0.41 19.71 -30.81
C GLY A 266 1.59 19.28 -31.65
N ALA A 267 1.84 17.98 -31.73
CA ALA A 267 2.96 17.46 -32.50
C ALA A 267 2.74 17.68 -33.99
N VAL A 268 1.51 17.43 -34.44
CA VAL A 268 1.11 17.62 -35.83
C VAL A 268 -0.34 18.08 -35.89
N ASN A 269 -0.62 19.07 -36.71
CA ASN A 269 -1.97 19.58 -36.91
C ASN A 269 -2.43 19.40 -38.35
N GLN A 270 -3.74 19.53 -38.56
CA GLN A 270 -4.33 19.35 -39.89
C GLN A 270 -3.77 20.32 -40.91
N ASP A 271 -3.41 21.53 -40.47
CA ASP A 271 -2.94 22.59 -41.36
C ASP A 271 -1.52 22.39 -41.90
N ASN A 272 -0.66 21.72 -41.12
CA ASN A 272 0.74 21.56 -41.50
C ASN A 272 1.09 20.18 -42.08
N PHE A 273 0.11 19.28 -42.12
CA PHE A 273 0.31 17.95 -42.72
C PHE A 273 -0.99 17.46 -43.36
N SER A 274 -0.89 17.09 -44.63
CA SER A 274 -2.07 16.76 -45.43
C SER A 274 -2.78 15.49 -44.98
N ARG A 275 -2.00 14.49 -44.55
CA ARG A 275 -2.56 13.18 -44.21
C ARG A 275 -2.68 13.00 -42.70
N PHE A 276 -3.07 14.08 -42.02
CA PHE A 276 -3.33 14.04 -40.59
C PHE A 276 -4.73 13.50 -40.32
N ALA A 277 -4.84 12.53 -39.42
CA ALA A 277 -6.10 11.82 -39.18
C ALA A 277 -6.74 12.23 -37.85
N GLY A 278 -6.30 13.36 -37.31
CA GLY A 278 -6.87 13.90 -36.09
C GLY A 278 -6.29 13.24 -34.84
N ARG A 279 -6.78 13.67 -33.68
CA ARG A 279 -6.35 13.11 -32.41
C ARG A 279 -7.33 12.05 -31.94
N VAL A 280 -6.81 10.95 -31.38
CA VAL A 280 -7.63 9.86 -30.92
C VAL A 280 -7.61 9.75 -29.40
N GLY A 281 -8.77 9.47 -28.81
CA GLY A 281 -8.90 9.34 -27.38
C GLY A 281 -10.32 9.64 -26.91
N LEU A 282 -10.94 10.66 -27.49
CA LEU A 282 -12.27 11.10 -27.08
C LEU A 282 -13.39 10.65 -28.02
N PHE A 283 -13.25 10.96 -29.30
CA PHE A 283 -14.36 10.83 -30.24
C PHE A 283 -14.38 9.49 -30.96
N ASN A 284 -15.59 9.01 -31.24
CA ASN A 284 -15.78 7.68 -31.82
C ASN A 284 -15.82 7.65 -33.34
N ASN A 285 -15.54 8.80 -33.96
CA ASN A 285 -15.58 8.91 -35.42
C ASN A 285 -14.35 9.63 -35.96
N GLN A 286 -13.17 9.28 -35.44
CA GLN A 286 -11.92 9.87 -35.91
C GLN A 286 -11.27 9.01 -36.98
N ALA A 287 -10.63 9.68 -37.93
CA ALA A 287 -9.92 9.02 -39.01
C ALA A 287 -8.81 8.10 -38.49
N GLY A 288 -8.15 8.55 -37.42
CA GLY A 288 -7.05 7.82 -36.82
C GLY A 288 -7.41 6.41 -36.41
N ASP A 289 -8.54 6.26 -35.74
CA ASP A 289 -8.99 4.94 -35.29
C ASP A 289 -9.27 4.02 -36.47
N ARG A 290 -9.97 4.55 -37.48
CA ARG A 290 -10.30 3.77 -38.66
C ARG A 290 -9.03 3.31 -39.38
N LEU A 291 -8.04 4.19 -39.46
CA LEU A 291 -6.78 3.87 -40.11
C LEU A 291 -5.97 2.86 -39.31
N LEU A 292 -6.08 2.93 -37.98
CA LEU A 292 -5.39 1.98 -37.11
C LEU A 292 -5.97 0.57 -37.26
N GLN A 293 -7.29 0.48 -37.29
CA GLN A 293 -7.97 -0.79 -37.50
C GLN A 293 -7.68 -1.33 -38.90
N LEU A 294 -7.54 -0.42 -39.86
CA LEU A 294 -7.23 -0.80 -41.23
C LEU A 294 -5.76 -1.17 -41.41
N ALA A 295 -4.92 -0.66 -40.52
CA ALA A 295 -3.47 -0.76 -40.67
C ALA A 295 -2.98 -2.20 -40.82
N ASP A 296 -1.90 -2.35 -41.59
CA ASP A 296 -1.16 -3.61 -41.66
C ASP A 296 0.21 -3.40 -41.00
N LEU A 297 0.51 -2.14 -40.69
CA LEU A 297 1.74 -1.78 -39.99
C LEU A 297 1.49 -0.52 -39.17
N VAL A 298 1.72 -0.61 -37.86
CA VAL A 298 1.56 0.52 -36.96
C VAL A 298 2.87 0.84 -36.27
N ILE A 299 3.39 2.05 -36.52
CA ILE A 299 4.60 2.52 -35.87
C ILE A 299 4.23 3.55 -34.80
N CYS A 300 4.40 3.16 -33.54
CA CYS A 300 4.13 4.05 -32.43
C CYS A 300 5.38 4.82 -32.05
N ILE A 301 5.26 6.14 -31.94
CA ILE A 301 6.40 7.00 -31.62
C ILE A 301 6.14 7.79 -30.33
N GLY A 302 6.98 7.56 -29.33
CA GLY A 302 6.88 8.28 -28.07
C GLY A 302 5.61 7.94 -27.31
N TYR A 303 5.08 6.75 -27.57
CA TYR A 303 3.76 6.37 -27.07
C TYR A 303 3.79 5.33 -25.96
N SER A 304 2.95 5.54 -24.96
CA SER A 304 2.70 4.55 -23.92
C SER A 304 1.20 4.24 -23.88
N PRO A 305 0.83 2.97 -23.61
CA PRO A 305 -0.58 2.57 -23.61
C PRO A 305 -1.48 3.44 -22.74
N VAL A 306 -0.92 4.04 -21.69
CA VAL A 306 -1.70 4.87 -20.77
C VAL A 306 -2.31 6.08 -21.48
N GLU A 307 -1.65 6.55 -22.53
CA GLU A 307 -2.11 7.72 -23.26
C GLU A 307 -3.41 7.44 -24.02
N TYR A 308 -3.58 6.19 -24.45
CA TYR A 308 -4.76 5.79 -25.20
C TYR A 308 -4.85 4.26 -25.16
N GLU A 309 -5.86 3.76 -24.45
CA GLU A 309 -6.00 2.34 -24.20
C GLU A 309 -5.93 1.51 -25.49
N PRO A 310 -4.93 0.61 -25.60
CA PRO A 310 -4.79 -0.23 -26.80
C PRO A 310 -6.02 -1.08 -27.11
N ALA A 311 -6.86 -1.31 -26.11
CA ALA A 311 -8.09 -2.07 -26.30
C ALA A 311 -9.05 -1.36 -27.24
N MET A 312 -8.78 -0.09 -27.52
CA MET A 312 -9.67 0.73 -28.35
C MET A 312 -9.27 0.77 -29.82
N TRP A 313 -8.01 0.45 -30.12
CA TRP A 313 -7.50 0.62 -31.48
C TRP A 313 -6.66 -0.54 -32.03
N ASN A 314 -6.01 -1.30 -31.15
CA ASN A 314 -5.12 -2.37 -31.62
C ASN A 314 -5.86 -3.66 -31.94
N SER A 315 -6.12 -3.88 -33.23
CA SER A 315 -6.80 -5.10 -33.68
C SER A 315 -5.89 -6.32 -33.55
N GLY A 316 -4.58 -6.09 -33.62
CA GLY A 316 -3.61 -7.16 -33.53
C GLY A 316 -3.22 -7.76 -34.87
N ASN A 317 -3.98 -7.43 -35.92
CA ASN A 317 -3.71 -7.95 -37.26
C ASN A 317 -2.55 -7.24 -37.96
N ALA A 318 -2.05 -6.17 -37.35
CA ALA A 318 -0.99 -5.36 -37.93
C ALA A 318 0.33 -5.57 -37.21
N THR A 319 1.42 -5.52 -37.97
CA THR A 319 2.75 -5.53 -37.37
C THR A 319 2.91 -4.25 -36.55
N LEU A 320 3.41 -4.41 -35.33
CA LEU A 320 3.49 -3.30 -34.39
C LEU A 320 4.95 -2.95 -34.07
N VAL A 321 5.32 -1.70 -34.36
CA VAL A 321 6.65 -1.20 -34.09
C VAL A 321 6.61 -0.13 -33.01
N HIS A 322 7.54 -0.23 -32.05
CA HIS A 322 7.60 0.66 -30.91
C HIS A 322 8.86 1.50 -30.92
N ILE A 323 8.69 2.82 -30.94
CA ILE A 323 9.81 3.76 -30.90
C ILE A 323 9.62 4.74 -29.75
N ASP A 324 10.48 4.63 -28.74
CA ASP A 324 10.38 5.50 -27.58
C ASP A 324 11.74 5.58 -26.86
N VAL A 325 11.82 6.45 -25.87
CA VAL A 325 13.04 6.60 -25.07
C VAL A 325 13.16 5.50 -24.03
N LEU A 326 12.07 4.77 -23.81
CA LEU A 326 12.05 3.63 -22.89
C LEU A 326 11.53 2.39 -23.59
N PRO A 327 11.83 1.20 -23.05
CA PRO A 327 11.19 0.00 -23.57
C PRO A 327 9.67 0.09 -23.39
N ALA A 328 8.92 -0.61 -24.22
CA ALA A 328 7.47 -0.56 -24.17
C ALA A 328 6.94 -1.10 -22.85
N TYR A 329 5.88 -0.48 -22.34
CA TYR A 329 5.16 -1.01 -21.20
C TYR A 329 4.11 -1.96 -21.74
N GLU A 330 4.51 -3.23 -21.90
CA GLU A 330 3.67 -4.20 -22.58
C GLU A 330 2.37 -4.44 -21.83
N GLU A 331 1.34 -4.77 -22.60
CA GLU A 331 0.00 -4.96 -22.10
C GLU A 331 -0.61 -6.09 -22.92
N ARG A 332 -1.79 -6.58 -22.53
CA ARG A 332 -2.39 -7.72 -23.24
C ARG A 332 -2.66 -7.34 -24.69
N ASN A 333 -2.91 -6.05 -24.92
CA ASN A 333 -3.23 -5.54 -26.23
C ASN A 333 -2.12 -4.65 -26.79
N TYR A 334 -0.91 -4.84 -26.27
CA TYR A 334 0.24 -4.07 -26.74
C TYR A 334 1.52 -4.86 -26.59
N THR A 335 1.78 -5.70 -27.59
CA THR A 335 3.00 -6.52 -27.64
C THR A 335 3.72 -6.28 -28.96
N PRO A 336 4.53 -5.21 -29.03
CA PRO A 336 5.28 -4.83 -30.24
C PRO A 336 6.12 -5.94 -30.86
N ASP A 337 5.97 -6.15 -32.16
CA ASP A 337 6.77 -7.13 -32.88
C ASP A 337 8.22 -6.65 -33.00
N VAL A 338 8.41 -5.34 -33.01
CA VAL A 338 9.74 -4.74 -33.05
C VAL A 338 9.83 -3.62 -32.02
N GLU A 339 10.99 -3.48 -31.38
CA GLU A 339 11.15 -2.55 -30.26
C GLU A 339 12.43 -1.72 -30.37
N LEU A 340 12.26 -0.45 -30.71
CA LEU A 340 13.37 0.50 -30.84
C LEU A 340 13.43 1.48 -29.67
N VAL A 341 14.36 1.25 -28.75
CA VAL A 341 14.59 2.16 -27.63
C VAL A 341 15.83 2.99 -27.92
N GLY A 342 15.74 4.30 -27.68
CA GLY A 342 16.85 5.20 -27.92
C GLY A 342 16.42 6.63 -28.18
N ASP A 343 17.35 7.45 -28.66
CA ASP A 343 17.04 8.82 -29.02
C ASP A 343 16.03 8.86 -30.15
N ILE A 344 14.90 9.49 -29.92
CA ILE A 344 13.83 9.53 -30.91
C ILE A 344 14.26 10.35 -32.13
N ALA A 345 14.79 11.54 -31.89
CA ALA A 345 15.18 12.44 -32.98
C ALA A 345 16.18 11.79 -33.92
N GLY A 346 17.18 11.13 -33.35
CA GLY A 346 18.21 10.46 -34.14
C GLY A 346 17.67 9.24 -34.85
N THR A 347 16.73 8.55 -34.21
CA THR A 347 16.13 7.36 -34.77
C THR A 347 15.25 7.72 -35.98
N LEU A 348 14.45 8.76 -35.83
CA LEU A 348 13.53 9.16 -36.90
C LEU A 348 14.30 9.74 -38.08
N ASN A 349 15.41 10.44 -37.81
CA ASN A 349 16.26 10.97 -38.87
C ASN A 349 16.85 9.83 -39.70
N LYS A 350 17.44 8.86 -39.03
CA LYS A 350 18.02 7.70 -39.69
C LYS A 350 16.97 6.92 -40.47
N LEU A 351 15.80 6.73 -39.86
CA LEU A 351 14.72 6.00 -40.50
C LEU A 351 14.31 6.66 -41.79
N ALA A 352 14.26 7.99 -41.78
CA ALA A 352 13.89 8.76 -42.96
C ALA A 352 14.90 8.54 -44.07
N GLN A 353 16.17 8.44 -43.70
CA GLN A 353 17.25 8.26 -44.67
C GLN A 353 17.22 6.90 -45.35
N ASN A 354 16.36 6.01 -44.85
CA ASN A 354 16.25 4.65 -45.40
C ASN A 354 14.86 4.34 -45.97
N ILE A 355 14.04 5.37 -46.13
CA ILE A 355 12.76 5.22 -46.82
C ILE A 355 13.00 5.38 -48.31
N ASP A 356 12.83 4.30 -49.06
CA ASP A 356 13.13 4.29 -50.48
C ASP A 356 12.11 5.09 -51.28
N HIS A 357 10.86 5.11 -50.81
CA HIS A 357 9.78 5.75 -51.55
C HIS A 357 8.68 6.29 -50.66
N ARG A 358 7.98 7.31 -51.14
CA ARG A 358 6.83 7.87 -50.44
C ARG A 358 5.66 6.91 -50.51
N LEU A 359 4.78 6.96 -49.53
CA LEU A 359 3.63 6.08 -49.50
C LEU A 359 2.63 6.48 -50.57
N VAL A 360 2.13 5.49 -51.31
CA VAL A 360 1.00 5.69 -52.19
C VAL A 360 -0.23 5.21 -51.44
N LEU A 361 -1.10 6.15 -51.10
CA LEU A 361 -2.25 5.87 -50.25
C LEU A 361 -3.18 4.84 -50.84
N SER A 362 -3.66 3.93 -50.00
CA SER A 362 -4.63 2.92 -50.41
C SER A 362 -6.00 3.56 -50.62
N PRO A 363 -6.86 2.93 -51.44
CA PRO A 363 -8.20 3.45 -51.68
C PRO A 363 -9.02 3.58 -50.39
N GLN A 364 -8.85 2.62 -49.49
CA GLN A 364 -9.54 2.63 -48.21
C GLN A 364 -8.98 3.73 -47.31
N ALA A 365 -7.66 3.86 -47.30
CA ALA A 365 -7.00 4.91 -46.52
C ALA A 365 -7.42 6.29 -47.02
N ALA A 366 -7.40 6.46 -48.35
CA ALA A 366 -7.75 7.74 -48.95
C ALA A 366 -9.22 8.06 -48.71
N GLU A 367 -10.06 7.03 -48.68
CA GLU A 367 -11.48 7.21 -48.43
C GLU A 367 -11.72 7.69 -47.00
N ILE A 368 -10.96 7.13 -46.06
CA ILE A 368 -11.09 7.51 -44.65
C ILE A 368 -10.73 8.97 -44.45
N LEU A 369 -9.62 9.40 -45.06
CA LEU A 369 -9.17 10.78 -44.93
C LEU A 369 -10.08 11.73 -45.70
N ARG A 370 -10.67 11.24 -46.78
CA ARG A 370 -11.64 12.01 -47.53
C ARG A 370 -12.87 12.21 -46.66
N ASP A 371 -13.26 11.15 -45.95
CA ASP A 371 -14.40 11.20 -45.06
C ASP A 371 -14.13 12.19 -43.92
N ARG A 372 -12.88 12.26 -43.48
CA ARG A 372 -12.49 13.18 -42.42
C ARG A 372 -12.63 14.61 -42.91
N GLN A 373 -12.31 14.83 -44.17
CA GLN A 373 -12.41 16.16 -44.76
C GLN A 373 -13.87 16.58 -44.78
N HIS A 374 -14.74 15.68 -45.22
CA HIS A 374 -16.17 15.96 -45.26
C HIS A 374 -16.67 16.17 -43.82
N GLN A 375 -16.12 15.39 -42.90
CA GLN A 375 -16.45 15.52 -41.48
C GLN A 375 -16.03 16.88 -40.95
N ARG A 376 -14.83 17.32 -41.32
CA ARG A 376 -14.32 18.62 -40.90
C ARG A 376 -15.17 19.73 -41.51
N GLU A 377 -15.72 19.46 -42.69
CA GLU A 377 -16.56 20.42 -43.39
C GLU A 377 -17.95 20.47 -42.77
N LEU A 378 -18.36 19.37 -42.13
CA LEU A 378 -19.69 19.26 -41.56
C LEU A 378 -19.68 19.87 -40.16
N LEU A 379 -18.59 19.66 -39.45
CA LEU A 379 -18.41 20.21 -38.11
C LEU A 379 -18.31 21.73 -38.16
N ASP A 380 -17.71 22.25 -39.23
CA ASP A 380 -17.61 23.69 -39.43
C ASP A 380 -19.00 24.31 -39.55
N ARG A 381 -19.93 23.55 -40.10
CA ARG A 381 -21.30 24.03 -40.34
C ARG A 381 -21.25 25.36 -41.10
N ARG A 382 -20.90 25.27 -42.38
CA ARG A 382 -20.69 26.45 -43.23
C ARG A 382 -21.79 27.48 -43.07
N GLY A 383 -21.40 28.72 -42.78
CA GLY A 383 -22.35 29.79 -42.55
C GLY A 383 -23.13 29.54 -41.28
N ALA A 384 -24.43 29.86 -41.32
CA ALA A 384 -25.31 29.67 -40.18
C ALA A 384 -24.76 30.36 -38.93
N GLN A 385 -24.71 31.69 -38.96
CA GLN A 385 -24.32 32.44 -37.77
C GLN A 385 -25.33 32.15 -36.67
N LEU A 386 -24.83 31.80 -35.50
CA LEU A 386 -25.70 31.31 -34.48
C LEU A 386 -25.96 32.50 -33.62
N ASN A 387 -27.24 32.82 -33.54
CA ASN A 387 -27.71 34.09 -33.02
C ASN A 387 -28.23 33.99 -31.61
N GLN A 388 -28.17 32.76 -31.11
CA GLN A 388 -28.73 32.36 -29.85
C GLN A 388 -28.13 33.15 -28.74
N PHE A 389 -28.95 33.54 -27.79
CA PHE A 389 -28.44 33.97 -26.48
C PHE A 389 -29.11 33.09 -25.42
N ALA A 390 -28.34 32.46 -24.52
CA ALA A 390 -26.89 32.63 -24.40
C ALA A 390 -26.15 32.04 -25.59
N LEU A 391 -24.89 32.43 -25.71
CA LEU A 391 -24.08 32.11 -26.89
C LEU A 391 -23.96 30.61 -27.13
N HIS A 392 -24.06 30.22 -28.39
CA HIS A 392 -23.87 28.84 -28.78
C HIS A 392 -22.39 28.49 -28.68
N PRO A 393 -22.06 27.28 -28.18
CA PRO A 393 -20.66 26.89 -28.01
C PRO A 393 -19.79 27.10 -29.26
N LEU A 394 -20.27 26.67 -30.41
CA LEU A 394 -19.53 26.80 -31.66
C LEU A 394 -19.23 28.24 -32.00
N ARG A 395 -20.13 29.15 -31.59
CA ARG A 395 -19.93 30.57 -31.81
C ARG A 395 -18.72 31.04 -31.01
N ILE A 396 -18.60 30.58 -29.78
CA ILE A 396 -17.48 30.95 -28.92
C ILE A 396 -16.19 30.34 -29.45
N VAL A 397 -16.28 29.11 -29.95
CA VAL A 397 -15.12 28.44 -30.51
C VAL A 397 -14.60 29.21 -31.73
N ARG A 398 -15.53 29.71 -32.55
CA ARG A 398 -15.16 30.48 -33.73
C ARG A 398 -14.50 31.79 -33.32
N ALA A 399 -15.02 32.40 -32.27
CA ALA A 399 -14.50 33.66 -31.76
C ALA A 399 -13.09 33.48 -31.19
N MET A 400 -12.87 32.35 -30.51
CA MET A 400 -11.56 32.05 -29.95
C MET A 400 -10.52 31.82 -31.04
N GLN A 401 -10.93 31.14 -32.11
CA GLN A 401 -10.04 30.85 -33.23
C GLN A 401 -9.54 32.14 -33.89
N ASP A 402 -10.39 33.17 -33.90
CA ASP A 402 -10.04 34.44 -34.51
C ASP A 402 -8.95 35.17 -33.74
N ILE A 403 -9.03 35.12 -32.41
CA ILE A 403 -8.11 35.87 -31.56
C ILE A 403 -6.82 35.10 -31.26
N VAL A 404 -6.91 33.76 -31.29
CA VAL A 404 -5.74 32.91 -31.05
C VAL A 404 -5.04 32.59 -32.35
N ASN A 405 -3.91 33.25 -32.59
CA ASN A 405 -3.10 33.00 -33.78
C ASN A 405 -1.78 32.30 -33.40
N SER A 406 -0.90 32.15 -34.39
CA SER A 406 0.33 31.38 -34.19
C SER A 406 1.31 32.03 -33.21
N ASP A 407 1.01 33.25 -32.78
CA ASP A 407 1.82 33.93 -31.78
C ASP A 407 1.17 33.88 -30.39
N VAL A 408 0.08 33.13 -30.26
CA VAL A 408 -0.67 33.04 -29.01
C VAL A 408 -0.68 31.62 -28.44
N THR A 409 -0.41 31.50 -27.15
CA THR A 409 -0.53 30.22 -26.45
C THR A 409 -1.94 30.07 -25.89
N LEU A 410 -2.49 28.86 -26.02
CA LEU A 410 -3.82 28.55 -25.50
C LEU A 410 -3.74 27.49 -24.41
N THR A 411 -4.38 27.76 -23.28
CA THR A 411 -4.50 26.76 -22.20
C THR A 411 -5.98 26.48 -21.94
N VAL A 412 -6.31 25.22 -21.78
CA VAL A 412 -7.71 24.78 -21.66
C VAL A 412 -7.94 24.04 -20.35
N ASP A 413 -8.97 24.45 -19.62
CA ASP A 413 -9.36 23.82 -18.37
C ASP A 413 -10.22 22.59 -18.67
N MET A 414 -10.85 22.03 -17.63
CA MET A 414 -11.68 20.85 -17.79
C MET A 414 -13.17 21.16 -17.62
N GLY A 415 -13.98 20.64 -18.52
CA GLY A 415 -15.41 20.88 -18.55
C GLY A 415 -16.00 20.55 -19.90
N SER A 416 -17.22 21.01 -20.17
CA SER A 416 -17.87 20.72 -21.44
C SER A 416 -17.18 21.45 -22.59
N PHE A 417 -16.77 22.69 -22.33
CA PHE A 417 -16.01 23.49 -23.30
C PHE A 417 -14.76 22.75 -23.79
N HIS A 418 -14.18 21.97 -22.89
CA HIS A 418 -13.01 21.16 -23.24
C HIS A 418 -13.31 20.26 -24.42
N ILE A 419 -14.50 19.67 -24.41
CA ILE A 419 -14.93 18.78 -25.48
C ILE A 419 -15.10 19.55 -26.78
N TRP A 420 -15.73 20.72 -26.68
CA TRP A 420 -15.95 21.59 -27.83
C TRP A 420 -14.63 22.00 -28.47
N ILE A 421 -13.72 22.51 -27.65
CA ILE A 421 -12.41 22.94 -28.12
C ILE A 421 -11.64 21.75 -28.67
N ALA A 422 -11.70 20.62 -27.99
CA ALA A 422 -11.00 19.42 -28.42
C ALA A 422 -11.49 18.99 -29.80
N ARG A 423 -12.79 19.14 -30.03
CA ARG A 423 -13.38 18.74 -31.32
C ARG A 423 -12.93 19.63 -32.47
N TYR A 424 -12.77 20.92 -32.22
CA TYR A 424 -12.39 21.87 -33.26
C TYR A 424 -10.93 22.26 -33.11
N LEU A 425 -10.14 21.32 -32.60
CA LEU A 425 -8.73 21.52 -32.36
C LEU A 425 -7.98 21.55 -33.69
N TYR A 426 -8.59 20.96 -34.72
CA TYR A 426 -7.99 20.94 -36.05
C TYR A 426 -7.95 22.33 -36.65
N SER A 427 -8.88 23.18 -36.23
CA SER A 427 -9.03 24.52 -36.81
C SER A 427 -8.32 25.60 -35.98
N PHE A 428 -7.66 25.20 -34.91
CA PHE A 428 -6.87 26.15 -34.09
C PHE A 428 -5.45 26.26 -34.62
N ARG A 429 -4.98 27.50 -34.78
CA ARG A 429 -3.65 27.78 -35.30
C ARG A 429 -2.78 28.43 -34.22
N ALA A 430 -2.76 27.81 -33.04
CA ALA A 430 -2.06 28.37 -31.89
C ALA A 430 -0.59 27.98 -31.84
N ARG A 431 0.21 28.85 -31.20
CA ARG A 431 1.61 28.58 -30.94
C ARG A 431 1.77 27.25 -30.20
N GLN A 432 1.11 27.18 -29.05
CA GLN A 432 1.09 25.97 -28.24
C GLN A 432 -0.29 25.81 -27.63
N VAL A 433 -0.72 24.57 -27.45
CA VAL A 433 -2.00 24.29 -26.82
C VAL A 433 -1.80 23.33 -25.66
N MET A 434 -2.05 23.82 -24.45
CA MET A 434 -2.08 22.98 -23.26
C MET A 434 -3.52 22.58 -23.00
N ILE A 435 -3.84 21.32 -23.26
CA ILE A 435 -5.19 20.82 -23.12
C ILE A 435 -5.22 19.41 -22.53
N SER A 436 -4.19 18.63 -22.84
CA SER A 436 -4.09 17.25 -22.36
C SER A 436 -4.24 17.21 -20.84
N ASN A 437 -5.14 16.34 -20.37
CA ASN A 437 -5.48 16.29 -18.95
C ASN A 437 -6.09 14.93 -18.59
N GLY A 438 -5.24 13.94 -18.41
CA GLY A 438 -5.67 12.59 -18.09
C GLY A 438 -6.41 12.51 -16.77
N GLN A 439 -5.90 13.21 -15.76
CA GLN A 439 -6.54 13.24 -14.45
C GLN A 439 -7.84 14.05 -14.49
N GLN A 440 -8.02 14.80 -15.56
CA GLN A 440 -9.21 15.62 -15.76
C GLN A 440 -9.36 16.64 -14.63
N THR A 441 -8.23 17.15 -14.17
CA THR A 441 -8.21 18.14 -13.10
C THR A 441 -8.76 19.48 -13.57
N MET A 442 -9.65 20.07 -12.80
CA MET A 442 -10.18 21.40 -13.09
C MET A 442 -9.32 22.48 -12.44
N GLY A 443 -9.38 23.69 -12.99
CA GLY A 443 -8.67 24.83 -12.45
C GLY A 443 -7.22 24.95 -12.93
N VAL A 444 -6.86 24.17 -13.94
CA VAL A 444 -5.47 24.14 -14.44
C VAL A 444 -5.16 25.28 -15.41
N ALA A 445 -6.17 25.78 -16.10
CA ALA A 445 -5.96 26.70 -17.22
C ALA A 445 -5.21 27.97 -16.83
N LEU A 446 -5.71 28.70 -15.84
CA LEU A 446 -5.12 29.99 -15.49
C LEU A 446 -3.69 29.86 -14.95
N PRO A 447 -3.44 28.92 -14.03
CA PRO A 447 -2.05 28.74 -13.57
C PRO A 447 -1.11 28.30 -14.68
N TRP A 448 -1.61 27.47 -15.60
CA TRP A 448 -0.83 27.06 -16.75
C TRP A 448 -0.40 28.26 -17.58
N ALA A 449 -1.34 29.19 -17.77
CA ALA A 449 -1.09 30.37 -18.60
C ALA A 449 -0.06 31.30 -17.96
N ILE A 450 -0.17 31.49 -16.65
CA ILE A 450 0.80 32.33 -15.93
C ILE A 450 2.19 31.71 -16.05
N GLY A 451 2.26 30.39 -15.92
CA GLY A 451 3.52 29.68 -16.06
C GLY A 451 4.05 29.77 -17.47
N ALA A 452 3.15 29.64 -18.45
CA ALA A 452 3.52 29.69 -19.85
C ALA A 452 4.00 31.09 -20.24
N TRP A 453 3.31 32.11 -19.73
CA TRP A 453 3.65 33.49 -20.02
C TRP A 453 5.04 33.84 -19.49
N LEU A 454 5.37 33.32 -18.32
CA LEU A 454 6.65 33.63 -17.69
C LEU A 454 7.85 33.12 -18.50
N VAL A 455 7.62 32.12 -19.35
CA VAL A 455 8.69 31.59 -20.20
C VAL A 455 8.91 32.50 -21.40
N ASN A 456 7.83 33.08 -21.93
CA ASN A 456 7.89 34.00 -23.06
C ASN A 456 7.00 35.22 -22.81
N PRO A 457 7.42 36.11 -21.91
CA PRO A 457 6.62 37.26 -21.46
C PRO A 457 6.17 38.19 -22.59
N GLU A 458 6.94 38.26 -23.67
CA GLU A 458 6.65 39.18 -24.75
C GLU A 458 5.40 38.76 -25.53
N ARG A 459 4.98 37.50 -25.36
CA ARG A 459 3.84 36.96 -26.09
C ARG A 459 2.57 36.92 -25.24
N LYS A 460 1.43 36.79 -25.91
CA LYS A 460 0.14 36.73 -25.24
C LYS A 460 -0.27 35.29 -24.97
N VAL A 461 -0.97 35.08 -23.86
CA VAL A 461 -1.49 33.77 -23.49
C VAL A 461 -2.98 33.85 -23.24
N VAL A 462 -3.72 32.91 -23.82
CA VAL A 462 -5.16 32.83 -23.60
C VAL A 462 -5.49 31.57 -22.81
N SER A 463 -6.19 31.74 -21.70
CA SER A 463 -6.66 30.62 -20.90
C SER A 463 -8.19 30.59 -20.94
N VAL A 464 -8.76 29.39 -20.94
CA VAL A 464 -10.20 29.24 -20.98
C VAL A 464 -10.63 28.15 -20.00
N SER A 465 -11.65 28.47 -19.21
CA SER A 465 -12.19 27.53 -18.23
C SER A 465 -13.69 27.74 -18.11
N GLY A 466 -14.32 26.93 -17.25
CA GLY A 466 -15.70 27.15 -16.89
C GLY A 466 -15.75 27.94 -15.60
N ASP A 467 -16.96 28.25 -15.13
CA ASP A 467 -17.12 28.98 -13.89
C ASP A 467 -16.71 28.13 -12.69
N GLY A 468 -16.94 26.82 -12.79
CA GLY A 468 -16.53 25.89 -11.75
C GLY A 468 -15.01 25.84 -11.60
N GLY A 469 -14.32 25.55 -12.70
CA GLY A 469 -12.87 25.44 -12.69
C GLY A 469 -12.20 26.76 -12.39
N PHE A 470 -12.79 27.85 -12.85
CA PHE A 470 -12.25 29.19 -12.65
C PHE A 470 -12.03 29.49 -11.17
N LEU A 471 -13.05 29.27 -10.36
CA LEU A 471 -13.02 29.65 -8.96
C LEU A 471 -12.11 28.75 -8.11
N GLN A 472 -11.64 27.65 -8.69
CA GLN A 472 -10.74 26.75 -7.97
C GLN A 472 -9.29 27.24 -8.02
N SER A 473 -8.99 28.14 -8.96
CA SER A 473 -7.65 28.70 -9.09
C SER A 473 -7.70 30.21 -9.33
N SER A 474 -8.87 30.81 -9.16
CA SER A 474 -9.05 32.23 -9.43
C SER A 474 -8.20 33.12 -8.52
N MET A 475 -7.71 32.58 -7.42
CA MET A 475 -6.93 33.37 -6.48
C MET A 475 -5.62 33.86 -7.09
N GLU A 476 -5.20 33.21 -8.18
CA GLU A 476 -3.94 33.57 -8.83
C GLU A 476 -4.11 34.76 -9.78
N LEU A 477 -5.31 35.33 -9.83
CA LEU A 477 -5.51 36.56 -10.59
C LEU A 477 -4.68 37.68 -9.97
N GLU A 478 -4.62 37.68 -8.64
CA GLU A 478 -3.81 38.65 -7.92
C GLU A 478 -2.34 38.46 -8.30
N THR A 479 -1.92 37.20 -8.41
CA THR A 479 -0.56 36.87 -8.80
C THR A 479 -0.28 37.35 -10.22
N ALA A 480 -1.27 37.18 -11.11
CA ALA A 480 -1.15 37.63 -12.48
C ALA A 480 -1.02 39.15 -12.52
N VAL A 481 -1.83 39.83 -11.73
CA VAL A 481 -1.77 41.28 -11.61
C VAL A 481 -0.43 41.72 -11.03
N ARG A 482 0.07 40.98 -10.05
CA ARG A 482 1.33 41.33 -9.41
C ARG A 482 2.47 41.21 -10.44
N LEU A 483 2.34 40.23 -11.33
CA LEU A 483 3.36 39.96 -12.35
C LEU A 483 3.15 40.78 -13.62
N LYS A 484 2.02 41.47 -13.71
CA LYS A 484 1.64 42.17 -14.92
C LYS A 484 1.59 41.17 -16.08
N ALA A 485 1.21 39.94 -15.76
CA ALA A 485 1.18 38.85 -16.74
C ALA A 485 0.16 39.13 -17.84
N ASN A 486 0.60 39.01 -19.08
CA ASN A 486 -0.24 39.31 -20.23
C ASN A 486 -1.12 38.11 -20.58
N VAL A 487 -2.07 37.83 -19.69
CA VAL A 487 -2.95 36.67 -19.82
C VAL A 487 -4.42 37.10 -19.98
N LEU A 488 -5.09 36.52 -20.97
CA LEU A 488 -6.52 36.73 -21.17
C LEU A 488 -7.31 35.48 -20.82
N HIS A 489 -8.04 35.51 -19.71
CA HIS A 489 -8.82 34.36 -19.27
C HIS A 489 -10.28 34.47 -19.69
N LEU A 490 -10.80 33.43 -20.35
CA LEU A 490 -12.19 33.38 -20.78
C LEU A 490 -12.99 32.40 -19.91
N ILE A 491 -14.20 32.82 -19.51
CA ILE A 491 -15.06 31.98 -18.70
C ILE A 491 -16.36 31.64 -19.44
N TRP A 492 -16.59 30.35 -19.67
CA TRP A 492 -17.88 29.88 -20.17
C TRP A 492 -18.84 29.78 -18.98
N VAL A 493 -19.73 30.75 -18.86
CA VAL A 493 -20.60 30.85 -17.69
C VAL A 493 -21.95 30.17 -17.92
N ASP A 494 -22.22 29.14 -17.12
CA ASP A 494 -23.53 28.48 -17.11
C ASP A 494 -24.06 28.37 -15.68
N ASN A 495 -23.26 28.82 -14.72
CA ASN A 495 -23.58 28.72 -13.31
C ASN A 495 -23.89 27.28 -12.90
N GLY A 496 -22.97 26.37 -13.22
CA GLY A 496 -23.13 24.97 -12.85
C GLY A 496 -22.00 24.09 -13.33
N TYR A 497 -22.02 22.83 -12.89
CA TYR A 497 -21.08 21.81 -13.35
C TYR A 497 -21.69 21.04 -14.51
N ASN A 498 -21.61 21.60 -15.70
CA ASN A 498 -22.38 21.11 -16.84
C ASN A 498 -21.95 19.73 -17.34
N MET A 499 -20.65 19.50 -17.43
CA MET A 499 -20.15 18.24 -17.99
C MET A 499 -20.62 17.05 -17.16
N VAL A 500 -20.89 17.29 -15.88
CA VAL A 500 -21.42 16.26 -15.01
C VAL A 500 -22.94 16.15 -15.19
N ALA A 501 -23.60 17.29 -15.34
CA ALA A 501 -25.05 17.33 -15.47
C ALA A 501 -25.53 16.56 -16.70
N ILE A 502 -24.80 16.69 -17.81
CA ILE A 502 -25.15 16.00 -19.04
C ILE A 502 -25.12 14.49 -18.85
N GLN A 503 -24.06 14.00 -18.21
CA GLN A 503 -23.93 12.57 -17.94
C GLN A 503 -25.05 12.10 -17.03
N GLU A 504 -25.44 12.96 -16.09
CA GLU A 504 -26.54 12.65 -15.19
C GLU A 504 -27.85 12.63 -15.95
N GLU A 505 -28.01 13.58 -16.87
CA GLU A 505 -29.24 13.69 -17.66
C GLU A 505 -29.47 12.45 -18.52
N LYS A 506 -28.41 11.94 -19.14
CA LYS A 506 -28.54 10.79 -20.01
C LYS A 506 -28.79 9.52 -19.20
N LYS A 507 -28.27 9.49 -17.99
CA LYS A 507 -28.32 8.29 -17.16
C LYS A 507 -29.52 8.28 -16.22
N TYR A 508 -29.89 9.46 -15.71
CA TYR A 508 -30.89 9.54 -14.63
C TYR A 508 -32.06 10.46 -14.96
N GLN A 509 -31.92 11.26 -16.01
CA GLN A 509 -32.95 12.24 -16.40
C GLN A 509 -33.29 13.19 -15.26
N ARG A 510 -32.30 13.49 -14.44
CA ARG A 510 -32.45 14.49 -13.38
C ARG A 510 -31.09 14.93 -12.87
N LEU A 511 -31.02 16.10 -12.26
CA LEU A 511 -29.76 16.69 -11.84
C LEU A 511 -29.56 16.64 -10.32
N SER A 512 -28.31 16.53 -9.90
CA SER A 512 -27.98 16.51 -8.48
C SER A 512 -26.61 17.14 -8.22
N GLY A 513 -26.61 18.25 -7.50
CA GLY A 513 -25.37 18.89 -7.07
C GLY A 513 -24.54 19.45 -8.20
N VAL A 514 -25.19 19.91 -9.27
CA VAL A 514 -24.51 20.47 -10.43
C VAL A 514 -24.88 21.94 -10.65
N GLU A 515 -25.70 22.49 -9.76
CA GLU A 515 -26.18 23.87 -9.90
C GLU A 515 -25.72 24.75 -8.75
N PHE A 516 -25.25 25.96 -9.08
CA PHE A 516 -24.95 26.97 -8.07
C PHE A 516 -25.34 28.35 -8.57
N GLY A 517 -25.10 29.37 -7.77
CA GLY A 517 -25.59 30.71 -8.07
C GLY A 517 -24.74 31.46 -9.08
N PRO A 518 -25.20 32.66 -9.49
CA PRO A 518 -24.46 33.50 -10.44
C PRO A 518 -23.47 34.42 -9.76
N MET A 519 -22.60 35.05 -10.55
CA MET A 519 -21.63 36.01 -10.04
C MET A 519 -21.40 37.13 -11.04
N ASP A 520 -21.00 38.29 -10.55
CA ASP A 520 -20.61 39.41 -11.40
C ASP A 520 -19.10 39.31 -11.68
N PHE A 521 -18.76 38.50 -12.67
CA PHE A 521 -17.36 38.18 -12.93
C PHE A 521 -16.53 39.39 -13.35
N LYS A 522 -17.19 40.41 -13.90
CA LYS A 522 -16.49 41.63 -14.27
C LYS A 522 -15.94 42.33 -13.04
N ALA A 523 -16.82 42.62 -12.09
CA ALA A 523 -16.42 43.27 -10.85
C ALA A 523 -15.47 42.37 -10.06
N TYR A 524 -15.69 41.06 -10.15
CA TYR A 524 -14.83 40.09 -9.50
C TYR A 524 -13.39 40.22 -9.96
N ALA A 525 -13.20 40.27 -11.27
CA ALA A 525 -11.86 40.40 -11.86
C ALA A 525 -11.26 41.76 -11.53
N GLU A 526 -12.11 42.79 -11.53
CA GLU A 526 -11.66 44.16 -11.31
C GLU A 526 -11.24 44.40 -9.86
N SER A 527 -11.75 43.59 -8.93
CA SER A 527 -11.38 43.73 -7.53
C SER A 527 -9.93 43.30 -7.30
N PHE A 528 -9.36 42.61 -8.29
CA PHE A 528 -7.95 42.22 -8.25
C PHE A 528 -7.05 43.32 -8.80
N GLY A 529 -7.65 44.25 -9.54
CA GLY A 529 -6.91 45.28 -10.24
C GLY A 529 -6.66 44.87 -11.68
N ALA A 530 -7.41 43.89 -12.15
CA ALA A 530 -7.34 43.42 -13.54
C ALA A 530 -8.51 43.96 -14.34
N LYS A 531 -8.44 43.80 -15.66
CA LYS A 531 -9.50 44.31 -16.54
C LYS A 531 -10.64 43.31 -16.62
N GLY A 532 -11.85 43.78 -16.33
CA GLY A 532 -13.03 42.93 -16.31
C GLY A 532 -13.91 43.16 -17.52
N PHE A 533 -14.51 42.09 -18.03
CA PHE A 533 -15.39 42.15 -19.19
C PHE A 533 -16.55 41.17 -19.03
N ALA A 534 -17.71 41.54 -19.58
CA ALA A 534 -18.89 40.67 -19.52
C ALA A 534 -19.68 40.77 -20.82
N VAL A 535 -19.85 39.63 -21.50
CA VAL A 535 -20.55 39.58 -22.76
C VAL A 535 -22.06 39.53 -22.51
N GLU A 536 -22.73 40.66 -22.74
CA GLU A 536 -24.16 40.78 -22.49
C GLU A 536 -24.98 40.66 -23.78
N SER A 537 -24.30 40.33 -24.88
CA SER A 537 -24.98 40.19 -26.17
C SER A 537 -24.18 39.30 -27.12
N ALA A 538 -24.90 38.54 -27.94
CA ALA A 538 -24.26 37.63 -28.89
C ALA A 538 -23.43 38.41 -29.90
N GLU A 539 -23.94 39.56 -30.32
CA GLU A 539 -23.26 40.39 -31.30
C GLU A 539 -22.05 41.11 -30.68
N ALA A 540 -22.00 41.13 -29.35
CA ALA A 540 -20.95 41.85 -28.63
C ALA A 540 -19.78 40.94 -28.24
N LEU A 541 -19.84 39.67 -28.65
CA LEU A 541 -18.80 38.70 -28.28
C LEU A 541 -17.43 39.10 -28.81
N GLU A 542 -17.30 39.16 -30.14
CA GLU A 542 -16.00 39.38 -30.78
C GLU A 542 -15.41 40.75 -30.46
N PRO A 543 -16.22 41.81 -30.50
CA PRO A 543 -15.70 43.13 -30.10
C PRO A 543 -15.11 43.12 -28.70
N THR A 544 -15.75 42.40 -27.78
CA THR A 544 -15.28 42.31 -26.40
C THR A 544 -13.97 41.56 -26.31
N LEU A 545 -13.88 40.42 -26.98
CA LEU A 545 -12.67 39.61 -26.95
C LEU A 545 -11.50 40.37 -27.56
N ARG A 546 -11.77 41.07 -28.67
CA ARG A 546 -10.74 41.88 -29.31
C ARG A 546 -10.28 43.00 -28.38
N ALA A 547 -11.22 43.57 -27.64
CA ALA A 547 -10.91 44.64 -26.70
C ALA A 547 -10.07 44.08 -25.55
N ALA A 548 -10.45 42.90 -25.07
CA ALA A 548 -9.73 42.27 -23.98
C ALA A 548 -8.32 41.81 -24.39
N MET A 549 -8.18 41.46 -25.67
CA MET A 549 -6.88 41.06 -26.21
C MET A 549 -5.93 42.27 -26.23
N ASP A 550 -6.47 43.43 -26.55
CA ASP A 550 -5.66 44.65 -26.66
C ASP A 550 -5.19 45.14 -25.30
N VAL A 551 -5.73 44.55 -24.22
CA VAL A 551 -5.26 44.87 -22.88
C VAL A 551 -3.86 44.29 -22.68
N ASP A 552 -2.91 45.15 -22.31
CA ASP A 552 -1.55 44.70 -22.02
C ASP A 552 -1.44 44.35 -20.54
N GLY A 553 -1.96 43.19 -20.18
CA GLY A 553 -1.98 42.74 -18.80
C GLY A 553 -3.15 41.81 -18.57
N PRO A 554 -3.34 41.37 -17.32
CA PRO A 554 -4.43 40.44 -16.97
C PRO A 554 -5.80 40.97 -17.35
N ALA A 555 -6.61 40.13 -17.98
CA ALA A 555 -7.98 40.50 -18.33
C ALA A 555 -8.88 39.27 -18.29
N VAL A 556 -10.10 39.44 -17.80
CA VAL A 556 -11.06 38.35 -17.70
C VAL A 556 -12.35 38.69 -18.44
N VAL A 557 -12.84 37.72 -19.22
CA VAL A 557 -14.08 37.88 -19.96
C VAL A 557 -15.08 36.79 -19.57
N ALA A 558 -16.27 37.21 -19.12
CA ALA A 558 -17.35 36.29 -18.79
C ALA A 558 -18.25 36.10 -20.00
N ILE A 559 -18.43 34.85 -20.41
CA ILE A 559 -19.19 34.53 -21.62
C ILE A 559 -20.33 33.56 -21.30
N PRO A 560 -21.57 34.09 -21.17
CA PRO A 560 -22.75 33.23 -21.01
C PRO A 560 -22.89 32.25 -22.17
N VAL A 561 -23.14 30.97 -21.87
CA VAL A 561 -23.19 29.93 -22.89
C VAL A 561 -24.44 29.07 -22.75
N ASP A 562 -25.02 28.70 -23.88
CA ASP A 562 -26.18 27.82 -23.93
C ASP A 562 -25.73 26.41 -24.30
N TYR A 563 -25.68 25.53 -23.30
CA TYR A 563 -25.16 24.18 -23.46
C TYR A 563 -26.24 23.20 -23.92
N ARG A 564 -27.37 23.72 -24.38
CA ARG A 564 -28.51 22.87 -24.75
C ARG A 564 -28.15 21.92 -25.89
N ASP A 565 -27.17 22.30 -26.70
CA ASP A 565 -26.77 21.51 -27.87
C ASP A 565 -25.70 20.47 -27.52
N ASN A 566 -25.26 20.46 -26.26
CA ASN A 566 -24.16 19.58 -25.84
C ASN A 566 -24.44 18.09 -26.02
N PRO A 567 -25.66 17.63 -25.70
CA PRO A 567 -25.97 16.21 -25.90
C PRO A 567 -25.71 15.73 -27.32
N LEU A 568 -25.77 16.65 -28.28
CA LEU A 568 -25.47 16.32 -29.66
C LEU A 568 -23.98 16.06 -29.84
N LEU A 569 -23.16 16.80 -29.09
CA LEU A 569 -21.71 16.66 -29.17
C LEU A 569 -21.23 15.43 -28.42
N MET A 570 -21.81 15.17 -27.26
CA MET A 570 -21.38 14.06 -26.42
C MET A 570 -21.70 12.72 -27.08
N GLY A 571 -22.63 12.74 -28.03
CA GLY A 571 -22.95 11.55 -28.80
C GLY A 571 -21.81 11.14 -29.72
N GLN A 572 -20.88 12.05 -29.95
CA GLN A 572 -19.71 11.78 -30.80
C GLN A 572 -18.57 11.16 -29.99
N LEU A 573 -18.80 10.93 -28.70
CA LEU A 573 -17.77 10.40 -27.81
C LEU A 573 -17.83 8.87 -27.71
N HIS A 574 -16.72 8.28 -27.30
CA HIS A 574 -16.69 6.85 -27.01
C HIS A 574 -17.65 6.53 -25.86
N LEU A 575 -18.49 5.52 -25.99
CA LEU A 575 -19.38 5.21 -24.88
C LEU A 575 -18.51 4.93 -23.67
N SER A 576 -18.44 5.88 -22.76
CA SER A 576 -17.45 5.86 -21.69
C SER A 576 -17.30 7.24 -21.08
N PRO B 16 7.26 7.80 41.77
CA PRO B 16 7.05 8.53 40.51
C PRO B 16 7.78 7.89 39.33
N ARG B 17 7.03 7.47 38.33
CA ARG B 17 7.59 6.77 37.17
C ARG B 17 8.54 7.66 36.37
N GLY B 18 8.08 8.87 36.03
CA GLY B 18 8.84 9.76 35.18
C GLY B 18 9.85 10.63 35.92
N SER B 19 10.16 10.27 37.16
CA SER B 19 11.09 11.04 37.98
C SER B 19 12.51 10.98 37.42
N HIS B 20 13.23 12.10 37.52
CA HIS B 20 14.61 12.19 37.06
C HIS B 20 15.59 11.88 38.20
N MET B 21 15.06 11.59 39.38
CA MET B 21 15.88 11.34 40.56
C MET B 21 15.53 9.99 41.20
N ASP B 22 15.22 9.01 40.36
CA ASP B 22 14.94 7.65 40.83
C ASP B 22 16.23 6.84 40.87
N LYS B 23 16.51 6.21 42.00
CA LYS B 23 17.74 5.44 42.18
C LYS B 23 17.63 4.08 41.47
N GLN B 24 16.42 3.53 41.44
CA GLN B 24 16.19 2.23 40.80
C GLN B 24 16.16 2.36 39.29
N TYR B 25 15.88 3.56 38.80
CA TYR B 25 15.82 3.85 37.36
C TYR B 25 16.44 5.21 37.07
N PRO B 26 17.76 5.33 37.29
CA PRO B 26 18.45 6.62 37.20
C PRO B 26 18.63 7.13 35.77
N VAL B 27 18.54 8.45 35.60
CA VAL B 27 18.92 9.08 34.34
C VAL B 27 20.43 8.98 34.23
N ARG B 28 20.92 8.57 33.07
CA ARG B 28 22.35 8.32 32.91
C ARG B 28 22.91 8.72 31.55
N GLN B 29 24.20 9.03 31.54
CA GLN B 29 24.93 9.26 30.30
C GLN B 29 25.51 7.92 29.85
N TRP B 30 24.73 7.18 29.07
CA TRP B 30 25.11 5.84 28.66
C TRP B 30 26.24 5.86 27.65
N ALA B 31 27.17 4.93 27.77
CA ALA B 31 28.30 4.83 26.86
C ALA B 31 27.84 4.33 25.51
N HIS B 32 26.91 3.39 25.53
CA HIS B 32 26.36 2.81 24.30
C HIS B 32 24.84 2.69 24.40
N GLY B 33 24.16 2.99 23.30
CA GLY B 33 22.72 2.86 23.24
C GLY B 33 22.29 1.46 23.61
N ALA B 34 23.13 0.48 23.28
CA ALA B 34 22.85 -0.91 23.56
C ALA B 34 22.67 -1.17 25.06
N ASP B 35 23.41 -0.44 25.87
CA ASP B 35 23.32 -0.58 27.32
C ASP B 35 21.93 -0.18 27.82
N LEU B 36 21.43 0.93 27.31
CA LEU B 36 20.10 1.41 27.67
C LEU B 36 19.02 0.43 27.21
N VAL B 37 19.24 -0.17 26.04
CA VAL B 37 18.30 -1.14 25.49
C VAL B 37 18.20 -2.35 26.43
N VAL B 38 19.34 -2.89 26.84
CA VAL B 38 19.37 -4.06 27.70
C VAL B 38 18.79 -3.72 29.07
N SER B 39 19.06 -2.51 29.55
CA SER B 39 18.54 -2.08 30.84
C SER B 39 17.02 -1.98 30.76
N GLN B 40 16.51 -1.54 29.61
CA GLN B 40 15.07 -1.46 29.39
C GLN B 40 14.44 -2.85 29.36
N LEU B 41 15.08 -3.77 28.67
CA LEU B 41 14.60 -5.16 28.60
C LEU B 41 14.48 -5.77 30.00
N GLU B 42 15.47 -5.50 30.84
CA GLU B 42 15.43 -5.98 32.22
C GLU B 42 14.19 -5.48 32.95
N ALA B 43 13.84 -4.21 32.71
CA ALA B 43 12.68 -3.60 33.33
C ALA B 43 11.39 -4.28 32.85
N GLN B 44 11.42 -4.82 31.64
CA GLN B 44 10.27 -5.50 31.07
C GLN B 44 10.15 -6.92 31.63
N GLY B 45 11.16 -7.35 32.37
CA GLY B 45 11.16 -8.68 32.95
C GLY B 45 11.53 -9.77 31.96
N VAL B 46 12.36 -9.43 30.98
CA VAL B 46 12.82 -10.40 29.99
C VAL B 46 13.83 -11.35 30.63
N ARG B 47 13.59 -12.65 30.47
CA ARG B 47 14.45 -13.66 31.08
C ARG B 47 15.52 -14.15 30.09
N GLN B 48 15.15 -14.24 28.82
CA GLN B 48 16.08 -14.66 27.77
C GLN B 48 15.74 -13.97 26.45
N VAL B 49 16.70 -14.01 25.52
CA VAL B 49 16.46 -13.55 24.16
C VAL B 49 16.90 -14.64 23.17
N PHE B 50 16.11 -14.80 22.12
CA PHE B 50 16.40 -15.78 21.07
C PHE B 50 16.89 -15.07 19.81
N GLY B 51 17.86 -15.66 19.13
CA GLY B 51 18.26 -15.13 17.84
C GLY B 51 19.66 -15.46 17.40
N ILE B 52 20.16 -14.67 16.45
CA ILE B 52 21.46 -14.89 15.84
C ILE B 52 22.14 -13.53 15.67
N PRO B 53 23.42 -13.42 16.08
CA PRO B 53 24.07 -12.12 16.01
C PRO B 53 24.64 -11.76 14.63
N GLY B 54 24.96 -10.48 14.48
CA GLY B 54 25.60 -9.97 13.29
C GLY B 54 26.29 -8.68 13.68
N ALA B 55 27.13 -8.15 12.80
CA ALA B 55 27.94 -6.98 13.12
C ALA B 55 27.09 -5.78 13.51
N LYS B 56 25.95 -5.63 12.85
CA LYS B 56 25.10 -4.46 13.02
C LYS B 56 24.38 -4.44 14.37
N ILE B 57 24.37 -5.59 15.04
CA ILE B 57 23.61 -5.75 16.29
C ILE B 57 24.47 -6.38 17.39
N ASP B 58 25.76 -6.61 17.13
CA ASP B 58 26.58 -7.37 18.07
C ASP B 58 26.75 -6.66 19.41
N LYS B 59 26.59 -5.34 19.43
CA LYS B 59 26.76 -4.59 20.68
C LYS B 59 25.66 -4.92 21.67
N VAL B 60 24.46 -5.17 21.16
CA VAL B 60 23.34 -5.54 22.02
C VAL B 60 23.60 -6.92 22.61
N PHE B 61 24.08 -7.84 21.79
CA PHE B 61 24.48 -9.17 22.26
C PHE B 61 25.57 -9.04 23.32
N ASP B 62 26.53 -8.15 23.05
CA ASP B 62 27.63 -7.92 23.96
C ASP B 62 27.15 -7.36 25.29
N SER B 63 26.24 -6.40 25.24
CA SER B 63 25.72 -5.77 26.45
C SER B 63 24.93 -6.75 27.30
N LEU B 64 24.34 -7.75 26.66
CA LEU B 64 23.56 -8.77 27.35
C LEU B 64 24.44 -9.67 28.21
N LEU B 65 25.74 -9.65 27.96
CA LEU B 65 26.69 -10.42 28.76
C LEU B 65 26.75 -9.87 30.18
N ASP B 66 26.53 -8.57 30.32
CA ASP B 66 26.61 -7.90 31.63
C ASP B 66 25.26 -7.82 32.34
N SER B 67 24.29 -8.62 31.90
CA SER B 67 22.94 -8.60 32.47
C SER B 67 22.51 -10.00 32.89
N SER B 68 21.42 -10.06 33.65
CA SER B 68 20.87 -11.34 34.09
C SER B 68 20.22 -12.08 32.93
N ILE B 69 19.93 -11.35 31.85
CA ILE B 69 19.23 -11.92 30.70
C ILE B 69 20.09 -12.94 29.98
N ARG B 70 19.51 -14.09 29.68
CA ARG B 70 20.22 -15.20 29.06
C ARG B 70 20.17 -15.12 27.53
N ILE B 71 21.31 -15.36 26.89
CA ILE B 71 21.39 -15.38 25.44
C ILE B 71 21.19 -16.80 24.93
N ILE B 72 20.22 -16.98 24.05
CA ILE B 72 19.93 -18.30 23.48
C ILE B 72 20.07 -18.26 21.95
N PRO B 73 21.27 -18.59 21.44
CA PRO B 73 21.46 -18.69 20.00
C PRO B 73 20.57 -19.76 19.38
N VAL B 74 19.87 -19.42 18.31
CA VAL B 74 19.11 -20.38 17.53
C VAL B 74 19.88 -20.64 16.24
N ARG B 75 19.36 -21.52 15.39
CA ARG B 75 20.02 -21.90 14.15
C ARG B 75 19.34 -21.29 12.93
N HIS B 76 18.13 -20.77 13.12
CA HIS B 76 17.44 -20.02 12.10
C HIS B 76 16.53 -18.98 12.76
N GLU B 77 16.59 -17.73 12.28
CA GLU B 77 15.90 -16.62 12.94
C GLU B 77 14.40 -16.87 13.06
N ALA B 78 13.82 -17.51 12.05
CA ALA B 78 12.38 -17.79 12.06
C ALA B 78 11.97 -18.47 13.35
N ASN B 79 12.86 -19.31 13.88
CA ASN B 79 12.58 -20.10 15.07
C ASN B 79 12.71 -19.26 16.34
N ALA B 80 13.45 -18.16 16.27
CA ALA B 80 13.53 -17.24 17.39
C ALA B 80 12.17 -16.61 17.62
N ALA B 81 11.48 -16.28 16.52
CA ALA B 81 10.14 -15.73 16.59
C ALA B 81 9.16 -16.75 17.14
N PHE B 82 9.31 -18.00 16.74
CA PHE B 82 8.43 -19.06 17.20
C PHE B 82 8.62 -19.31 18.69
N MET B 83 9.87 -19.40 19.12
CA MET B 83 10.20 -19.61 20.52
C MET B 83 9.70 -18.44 21.36
N ALA B 84 9.83 -17.23 20.82
CA ALA B 84 9.40 -16.02 21.51
C ALA B 84 7.89 -16.03 21.71
N ALA B 85 7.16 -16.52 20.72
CA ALA B 85 5.70 -16.57 20.80
C ALA B 85 5.24 -17.51 21.90
N ALA B 86 5.89 -18.67 22.00
CA ALA B 86 5.56 -19.65 23.03
C ALA B 86 5.75 -19.05 24.42
N VAL B 87 6.85 -18.32 24.59
CA VAL B 87 7.12 -17.62 25.84
C VAL B 87 6.04 -16.57 26.09
N GLY B 88 5.61 -15.89 25.03
CA GLY B 88 4.62 -14.86 25.15
C GLY B 88 3.25 -15.39 25.55
N ARG B 89 2.83 -16.47 24.91
CA ARG B 89 1.52 -17.05 25.15
C ARG B 89 1.37 -17.53 26.59
N ILE B 90 2.45 -18.10 27.13
CA ILE B 90 2.42 -18.68 28.47
C ILE B 90 2.55 -17.61 29.55
N THR B 91 3.64 -16.86 29.51
CA THR B 91 3.95 -15.90 30.57
C THR B 91 3.06 -14.66 30.50
N GLY B 92 2.59 -14.33 29.30
CA GLY B 92 1.84 -13.10 29.09
C GLY B 92 2.76 -11.91 28.93
N LYS B 93 4.06 -12.14 29.16
CA LYS B 93 5.08 -11.13 28.91
C LYS B 93 5.71 -11.43 27.56
N ALA B 94 5.96 -10.39 26.77
CA ALA B 94 6.46 -10.56 25.41
C ALA B 94 7.78 -11.33 25.35
N GLY B 95 7.82 -12.36 24.52
CA GLY B 95 9.07 -13.04 24.22
C GLY B 95 9.90 -12.15 23.30
N VAL B 96 11.22 -12.30 23.36
CA VAL B 96 12.12 -11.39 22.64
C VAL B 96 13.00 -12.12 21.63
N ALA B 97 12.93 -11.67 20.38
CA ALA B 97 13.82 -12.12 19.33
C ALA B 97 14.84 -11.04 19.02
N LEU B 98 16.08 -11.43 18.75
CA LEU B 98 17.17 -10.50 18.48
C LEU B 98 18.00 -10.92 17.27
N VAL B 99 17.89 -10.17 16.18
CA VAL B 99 18.55 -10.52 14.92
C VAL B 99 19.34 -9.34 14.35
N THR B 100 20.19 -9.62 13.37
CA THR B 100 20.95 -8.57 12.70
C THR B 100 20.16 -8.08 11.48
N SER B 101 20.73 -7.12 10.76
CA SER B 101 20.04 -6.49 9.64
C SER B 101 19.96 -7.36 8.40
N GLY B 102 19.22 -6.88 7.41
CA GLY B 102 19.06 -7.58 6.14
C GLY B 102 18.40 -8.93 6.28
N PRO B 103 19.10 -10.01 5.89
CA PRO B 103 18.49 -11.34 5.94
C PRO B 103 18.12 -11.78 7.36
N GLY B 104 18.80 -11.23 8.35
CA GLY B 104 18.47 -11.52 9.74
C GLY B 104 17.05 -11.11 10.07
N CYS B 105 16.64 -9.95 9.56
CA CYS B 105 15.29 -9.44 9.79
C CYS B 105 14.27 -10.16 8.91
N SER B 106 14.55 -10.24 7.61
CA SER B 106 13.60 -10.81 6.67
C SER B 106 13.28 -12.27 6.99
N ASN B 107 14.21 -12.94 7.67
CA ASN B 107 13.99 -14.32 8.10
C ASN B 107 13.00 -14.44 9.27
N LEU B 108 12.61 -13.31 9.86
CA LEU B 108 11.66 -13.31 10.97
C LEU B 108 10.20 -13.18 10.54
N ILE B 109 9.99 -12.69 9.32
CA ILE B 109 8.70 -12.17 8.90
C ILE B 109 7.57 -13.19 9.02
N THR B 110 7.82 -14.45 8.67
CA THR B 110 6.80 -15.48 8.79
C THR B 110 6.49 -15.74 10.26
N GLY B 111 7.54 -15.77 11.08
CA GLY B 111 7.39 -15.96 12.51
C GLY B 111 6.55 -14.87 13.15
N MET B 112 6.79 -13.63 12.74
CA MET B 112 6.09 -12.49 13.31
C MET B 112 4.61 -12.51 12.89
N ALA B 113 4.35 -12.94 11.68
CA ALA B 113 2.99 -13.06 11.18
C ALA B 113 2.25 -14.16 11.94
N THR B 114 2.97 -15.23 12.25
CA THR B 114 2.40 -16.36 12.98
C THR B 114 2.05 -15.93 14.40
N ALA B 115 2.96 -15.17 15.02
CA ALA B 115 2.74 -14.69 16.39
C ALA B 115 1.58 -13.70 16.44
N ASN B 116 1.53 -12.79 15.47
CA ASN B 116 0.53 -11.73 15.46
C ASN B 116 -0.87 -12.28 15.30
N SER B 117 -1.02 -13.27 14.42
CA SER B 117 -2.34 -13.83 14.12
C SER B 117 -2.89 -14.67 15.26
N GLU B 118 -2.01 -15.22 16.09
CA GLU B 118 -2.42 -16.02 17.25
C GLU B 118 -2.56 -15.18 18.51
N GLY B 119 -2.16 -13.91 18.43
CA GLY B 119 -2.23 -13.03 19.58
C GLY B 119 -1.17 -13.34 20.60
N ASP B 120 -0.01 -13.80 20.13
CA ASP B 120 1.12 -14.07 21.00
C ASP B 120 2.00 -12.82 21.09
N PRO B 121 2.23 -12.30 22.31
CA PRO B 121 3.08 -11.12 22.42
C PRO B 121 4.55 -11.40 22.11
N VAL B 122 5.08 -10.74 21.09
CA VAL B 122 6.46 -10.92 20.67
C VAL B 122 7.09 -9.58 20.32
N VAL B 123 8.31 -9.36 20.77
CA VAL B 123 9.07 -8.18 20.40
C VAL B 123 10.37 -8.60 19.72
N ALA B 124 10.51 -8.22 18.45
CA ALA B 124 11.71 -8.49 17.69
C ALA B 124 12.56 -7.23 17.59
N LEU B 125 13.81 -7.33 18.06
CA LEU B 125 14.78 -6.26 17.90
C LEU B 125 15.71 -6.62 16.73
N GLY B 126 15.64 -5.83 15.66
CA GLY B 126 16.40 -6.10 14.46
C GLY B 126 17.41 -5.03 14.14
N GLY B 127 18.66 -5.44 13.92
CA GLY B 127 19.71 -4.52 13.56
C GLY B 127 19.45 -3.84 12.23
N ALA B 128 20.12 -2.72 12.00
CA ALA B 128 20.02 -2.00 10.74
C ALA B 128 21.31 -1.24 10.46
N VAL B 129 21.53 -0.90 9.20
CA VAL B 129 22.70 -0.11 8.82
C VAL B 129 22.65 1.25 9.51
N LYS B 130 23.80 1.92 9.57
CA LYS B 130 23.89 3.24 10.17
C LYS B 130 22.94 4.20 9.45
N ARG B 131 22.47 5.21 10.17
CA ARG B 131 21.49 6.16 9.62
C ARG B 131 22.02 6.84 8.36
N ALA B 132 23.32 7.10 8.33
CA ALA B 132 23.94 7.79 7.20
C ALA B 132 24.02 6.88 5.98
N ASP B 133 24.02 5.57 6.22
CA ASP B 133 24.13 4.59 5.15
C ASP B 133 22.76 4.13 4.63
N LYS B 134 21.69 4.67 5.22
CA LYS B 134 20.35 4.31 4.81
C LYS B 134 19.93 5.00 3.50
N ALA B 135 20.47 6.19 3.27
CA ALA B 135 20.14 6.96 2.08
C ALA B 135 20.99 6.50 0.90
N LYS B 136 22.15 5.95 1.20
CA LYS B 136 23.03 5.44 0.16
C LYS B 136 22.40 4.18 -0.43
N GLN B 137 22.76 3.87 -1.67
CA GLN B 137 22.22 2.69 -2.34
C GLN B 137 22.93 1.41 -1.88
N VAL B 138 23.34 1.38 -0.62
CA VAL B 138 24.16 0.29 -0.12
C VAL B 138 23.33 -0.97 0.12
N HIS B 139 24.00 -2.11 0.08
CA HIS B 139 23.39 -3.41 0.35
C HIS B 139 22.87 -3.51 1.79
N GLN B 140 21.84 -4.33 1.99
CA GLN B 140 21.37 -4.64 3.34
C GLN B 140 20.58 -3.48 3.95
N SER B 141 20.25 -2.47 3.15
CA SER B 141 19.46 -1.34 3.61
C SER B 141 17.99 -1.54 3.27
N MET B 142 17.42 -2.63 3.78
CA MET B 142 16.00 -2.92 3.58
C MET B 142 15.11 -1.93 4.32
N ASP B 143 13.97 -1.61 3.71
CA ASP B 143 12.93 -0.90 4.43
C ASP B 143 12.18 -1.92 5.29
N THR B 144 12.80 -2.36 6.37
CA THR B 144 12.26 -3.42 7.20
C THR B 144 10.92 -3.04 7.82
N VAL B 145 10.77 -1.78 8.19
CA VAL B 145 9.52 -1.31 8.79
C VAL B 145 8.36 -1.54 7.83
N ALA B 146 8.59 -1.27 6.55
CA ALA B 146 7.56 -1.47 5.53
C ALA B 146 7.25 -2.95 5.37
N MET B 147 8.27 -3.80 5.51
CA MET B 147 8.11 -5.24 5.33
C MET B 147 7.36 -5.88 6.48
N PHE B 148 7.55 -5.36 7.69
CA PHE B 148 6.97 -5.96 8.88
C PHE B 148 5.59 -5.39 9.21
N SER B 149 5.28 -4.22 8.68
CA SER B 149 4.02 -3.53 9.01
C SER B 149 2.76 -4.37 8.76
N PRO B 150 2.68 -5.06 7.60
CA PRO B 150 1.46 -5.81 7.33
C PRO B 150 1.24 -7.01 8.26
N VAL B 151 2.24 -7.39 9.04
CA VAL B 151 2.17 -8.60 9.86
C VAL B 151 2.54 -8.35 11.33
N THR B 152 2.43 -7.10 11.77
CA THR B 152 2.68 -6.75 13.17
C THR B 152 1.69 -5.69 13.65
N LYS B 153 1.52 -5.60 14.96
CA LYS B 153 0.75 -4.52 15.56
C LYS B 153 1.56 -3.24 15.55
N TYR B 154 2.89 -3.40 15.61
CA TYR B 154 3.80 -2.29 15.87
C TYR B 154 5.10 -2.49 15.10
N ALA B 155 5.47 -1.49 14.31
CA ALA B 155 6.72 -1.54 13.55
C ALA B 155 7.31 -0.14 13.44
N ILE B 156 8.54 0.01 13.91
CA ILE B 156 9.17 1.32 14.00
C ILE B 156 10.69 1.22 13.94
N GLU B 157 11.33 2.27 13.45
CA GLU B 157 12.79 2.37 13.46
C GLU B 157 13.22 3.53 14.33
N VAL B 158 14.18 3.25 15.22
CA VAL B 158 14.71 4.27 16.11
C VAL B 158 15.72 5.13 15.35
N THR B 159 15.30 6.34 15.01
CA THR B 159 16.13 7.27 14.25
C THR B 159 16.77 8.32 15.16
N ALA B 160 16.20 8.49 16.36
CA ALA B 160 16.74 9.41 17.35
C ALA B 160 17.17 8.64 18.60
N PRO B 161 18.47 8.71 18.97
CA PRO B 161 18.95 7.96 20.14
C PRO B 161 18.19 8.28 21.43
N ASP B 162 17.66 9.49 21.55
CA ASP B 162 16.91 9.89 22.73
C ASP B 162 15.65 9.05 22.90
N ALA B 163 15.11 8.57 21.78
CA ALA B 163 13.87 7.81 21.80
C ALA B 163 14.11 6.31 21.95
N LEU B 164 15.36 5.93 22.19
CA LEU B 164 15.75 4.52 22.22
C LEU B 164 14.96 3.74 23.26
N ALA B 165 14.97 4.19 24.51
CA ALA B 165 14.26 3.50 25.59
C ALA B 165 12.75 3.62 25.39
N GLU B 166 12.32 4.78 24.88
CA GLU B 166 10.91 5.05 24.63
C GLU B 166 10.31 4.07 23.63
N VAL B 167 11.02 3.85 22.53
CA VAL B 167 10.54 2.99 21.46
C VAL B 167 10.46 1.53 21.91
N VAL B 168 11.47 1.09 22.65
CA VAL B 168 11.50 -0.29 23.14
C VAL B 168 10.34 -0.54 24.11
N SER B 169 10.15 0.39 25.04
CA SER B 169 9.05 0.30 25.99
C SER B 169 7.70 0.25 25.28
N ASN B 170 7.53 1.12 24.29
CA ASN B 170 6.30 1.17 23.50
C ASN B 170 6.04 -0.12 22.73
N ALA B 171 7.12 -0.77 22.31
CA ALA B 171 7.02 -2.04 21.59
C ALA B 171 6.41 -3.13 22.46
N PHE B 172 6.92 -3.25 23.68
CA PHE B 172 6.41 -4.22 24.64
C PHE B 172 4.95 -3.92 25.00
N ARG B 173 4.65 -2.63 25.15
CA ARG B 173 3.31 -2.19 25.46
C ARG B 173 2.31 -2.56 24.36
N ALA B 174 2.71 -2.30 23.11
CA ALA B 174 1.87 -2.66 21.96
C ALA B 174 1.68 -4.16 21.87
N ALA B 175 2.74 -4.91 22.16
CA ALA B 175 2.71 -6.36 22.05
C ALA B 175 1.84 -7.02 23.12
N GLU B 176 1.92 -6.51 24.35
CA GLU B 176 1.31 -7.19 25.49
C GLU B 176 -0.10 -6.70 25.80
N GLN B 177 -0.36 -5.42 25.56
CA GLN B 177 -1.64 -4.82 25.94
C GLN B 177 -2.70 -4.94 24.85
N GLY B 178 -3.94 -4.65 25.20
CA GLY B 178 -5.06 -4.83 24.30
C GLY B 178 -5.15 -6.27 23.86
N ARG B 179 -5.52 -6.50 22.60
CA ARG B 179 -5.39 -7.82 22.01
C ARG B 179 -3.93 -8.01 21.59
N PRO B 180 -3.19 -8.88 22.30
CA PRO B 180 -1.74 -8.93 22.10
C PRO B 180 -1.34 -9.26 20.66
N GLY B 181 -0.09 -8.95 20.32
CA GLY B 181 0.42 -9.23 18.98
C GLY B 181 1.93 -9.06 18.93
N SER B 182 2.49 -9.16 17.74
CA SER B 182 3.93 -9.04 17.55
C SER B 182 4.34 -7.60 17.26
N ALA B 183 5.54 -7.22 17.70
CA ALA B 183 6.04 -5.87 17.50
C ALA B 183 7.48 -5.92 17.01
N PHE B 184 7.83 -5.00 16.11
CA PHE B 184 9.15 -4.97 15.51
C PHE B 184 9.86 -3.63 15.72
N VAL B 185 11.13 -3.70 16.10
CA VAL B 185 11.94 -2.50 16.29
C VAL B 185 13.25 -2.60 15.51
N SER B 186 13.47 -1.62 14.63
CA SER B 186 14.70 -1.54 13.87
C SER B 186 15.72 -0.66 14.60
N LEU B 187 16.90 -1.22 14.84
CA LEU B 187 17.96 -0.53 15.59
C LEU B 187 19.19 -0.25 14.72
N PRO B 188 19.31 0.98 14.20
CA PRO B 188 20.49 1.32 13.41
C PRO B 188 21.79 1.11 14.19
N GLN B 189 22.84 0.66 13.50
CA GLN B 189 24.09 0.30 14.13
C GLN B 189 24.72 1.43 14.93
N ASP B 190 24.70 2.63 14.37
CA ASP B 190 25.32 3.79 15.01
C ASP B 190 24.57 4.23 16.27
N VAL B 191 23.29 3.91 16.34
CA VAL B 191 22.47 4.31 17.48
C VAL B 191 22.75 3.46 18.72
N VAL B 192 22.88 2.15 18.52
CA VAL B 192 23.13 1.23 19.63
C VAL B 192 24.61 1.26 20.06
N ASP B 193 25.49 1.61 19.14
CA ASP B 193 26.92 1.67 19.43
C ASP B 193 27.28 3.02 20.05
N GLY B 194 26.63 4.07 19.60
CA GLY B 194 26.92 5.42 20.07
C GLY B 194 26.34 5.70 21.45
N PRO B 195 26.80 6.78 22.09
CA PRO B 195 26.32 7.16 23.43
C PRO B 195 24.92 7.75 23.40
N VAL B 196 24.24 7.74 24.54
CA VAL B 196 22.88 8.25 24.64
C VAL B 196 22.59 8.76 26.05
N SER B 197 21.76 9.80 26.14
CA SER B 197 21.28 10.32 27.42
C SER B 197 19.82 9.95 27.62
N GLY B 198 19.52 9.31 28.73
CA GLY B 198 18.15 8.93 29.04
C GLY B 198 18.07 7.99 30.23
N LYS B 199 16.84 7.60 30.57
CA LYS B 199 16.61 6.66 31.66
C LYS B 199 15.70 5.53 31.18
N VAL B 200 15.68 4.44 31.96
CA VAL B 200 14.77 3.34 31.70
C VAL B 200 13.35 3.77 32.08
N LEU B 201 12.37 3.28 31.32
CA LEU B 201 10.97 3.55 31.61
C LEU B 201 10.37 2.35 32.34
N PRO B 202 9.99 2.52 33.62
CA PRO B 202 9.39 1.39 34.34
C PRO B 202 8.17 0.81 33.63
N ALA B 203 8.00 -0.50 33.71
CA ALA B 203 6.91 -1.18 33.02
C ALA B 203 5.55 -0.82 33.60
N SER B 204 4.63 -0.43 32.73
CA SER B 204 3.27 -0.10 33.13
C SER B 204 2.36 -1.30 32.84
N GLY B 205 1.65 -1.75 33.86
CA GLY B 205 0.75 -2.88 33.70
C GLY B 205 -0.44 -2.56 32.84
N ALA B 206 -1.42 -3.45 32.80
CA ALA B 206 -2.64 -3.22 32.06
C ALA B 206 -3.37 -2.01 32.64
N PRO B 207 -3.87 -1.12 31.78
CA PRO B 207 -4.58 0.05 32.31
C PRO B 207 -5.83 -0.36 33.08
N GLN B 208 -6.15 0.36 34.15
CA GLN B 208 -7.34 0.06 34.90
C GLN B 208 -8.52 0.51 34.06
N MET B 209 -9.15 -0.45 33.37
CA MET B 209 -10.25 -0.15 32.47
C MET B 209 -11.56 -0.48 33.13
N GLY B 210 -12.63 0.17 32.68
CA GLY B 210 -13.93 -0.04 33.28
C GLY B 210 -14.73 -1.13 32.61
N ALA B 211 -15.72 -1.64 33.33
CA ALA B 211 -16.65 -2.63 32.79
C ALA B 211 -17.54 -1.96 31.75
N ALA B 212 -18.26 -2.76 30.97
CA ALA B 212 -19.21 -2.19 30.02
C ALA B 212 -20.29 -1.44 30.78
N PRO B 213 -21.02 -0.52 30.11
CA PRO B 213 -22.03 0.29 30.81
C PRO B 213 -23.10 -0.56 31.50
N ASP B 214 -23.55 -0.12 32.67
CA ASP B 214 -24.56 -0.83 33.43
C ASP B 214 -25.86 -0.99 32.65
N ASP B 215 -26.26 0.06 31.95
CA ASP B 215 -27.48 0.03 31.16
C ASP B 215 -27.35 -0.98 30.03
N ALA B 216 -26.12 -1.21 29.58
CA ALA B 216 -25.85 -2.19 28.54
C ALA B 216 -25.81 -3.60 29.13
N ILE B 217 -25.30 -3.72 30.36
CA ILE B 217 -25.18 -5.02 31.01
C ILE B 217 -26.55 -5.57 31.39
N ASP B 218 -27.39 -4.72 31.97
CA ASP B 218 -28.75 -5.11 32.32
C ASP B 218 -29.55 -5.46 31.07
N GLN B 219 -29.20 -4.80 29.97
CA GLN B 219 -29.87 -5.04 28.69
C GLN B 219 -29.57 -6.45 28.18
N VAL B 220 -28.34 -6.90 28.39
CA VAL B 220 -27.93 -8.24 27.99
C VAL B 220 -28.48 -9.27 28.99
N ALA B 221 -28.49 -8.90 30.26
CA ALA B 221 -29.03 -9.78 31.30
C ALA B 221 -30.50 -10.10 31.02
N LYS B 222 -31.22 -9.12 30.47
CA LYS B 222 -32.62 -9.31 30.12
C LYS B 222 -32.75 -10.32 28.97
N LEU B 223 -31.81 -10.26 28.04
CA LEU B 223 -31.81 -11.17 26.89
C LEU B 223 -31.52 -12.60 27.35
N ILE B 224 -30.66 -12.74 28.35
CA ILE B 224 -30.30 -14.04 28.88
C ILE B 224 -31.52 -14.71 29.51
N ALA B 225 -32.30 -13.94 30.26
CA ALA B 225 -33.49 -14.47 30.91
C ALA B 225 -34.54 -14.90 29.88
N GLN B 226 -34.69 -14.09 28.83
CA GLN B 226 -35.71 -14.34 27.82
C GLN B 226 -35.27 -15.36 26.77
N ALA B 227 -34.02 -15.80 26.84
CA ALA B 227 -33.47 -16.73 25.86
C ALA B 227 -33.69 -18.17 26.30
N LYS B 228 -33.79 -19.07 25.32
CA LYS B 228 -34.07 -20.48 25.58
C LYS B 228 -32.91 -21.38 25.17
N ASN B 229 -32.05 -20.86 24.31
CA ASN B 229 -30.83 -21.57 23.92
C ASN B 229 -29.62 -20.64 23.88
N PRO B 230 -29.27 -20.04 25.04
CA PRO B 230 -28.11 -19.16 25.09
C PRO B 230 -26.81 -19.95 25.00
N ILE B 231 -25.75 -19.32 24.49
CA ILE B 231 -24.44 -19.97 24.47
C ILE B 231 -23.32 -18.93 24.47
N PHE B 232 -22.28 -19.21 25.25
CA PHE B 232 -21.09 -18.38 25.27
C PHE B 232 -20.12 -18.83 24.18
N LEU B 233 -19.67 -17.89 23.37
CA LEU B 233 -18.60 -18.14 22.41
C LEU B 233 -17.31 -17.46 22.89
N LEU B 234 -16.34 -18.26 23.28
CA LEU B 234 -15.11 -17.74 23.88
C LEU B 234 -14.00 -17.54 22.85
N GLY B 235 -13.40 -16.35 22.88
CA GLY B 235 -12.27 -16.03 22.04
C GLY B 235 -11.00 -15.81 22.84
N LEU B 236 -9.95 -15.37 22.16
CA LEU B 236 -8.60 -15.25 22.72
C LEU B 236 -8.54 -14.67 24.13
N MET B 237 -9.12 -13.49 24.33
CA MET B 237 -8.96 -12.76 25.59
C MET B 237 -9.65 -13.46 26.76
N ALA B 238 -10.60 -14.34 26.46
CA ALA B 238 -11.29 -15.09 27.51
C ALA B 238 -10.36 -16.09 28.18
N SER B 239 -9.23 -16.40 27.53
CA SER B 239 -8.31 -17.41 28.04
C SER B 239 -7.19 -16.80 28.88
N GLN B 240 -7.15 -15.48 28.98
CA GLN B 240 -6.13 -14.82 29.77
C GLN B 240 -6.37 -15.03 31.27
N PRO B 241 -5.29 -15.06 32.07
CA PRO B 241 -5.42 -15.36 33.51
C PRO B 241 -6.31 -14.39 34.28
N GLU B 242 -6.23 -13.11 33.96
CA GLU B 242 -6.96 -12.09 34.70
C GLU B 242 -8.48 -12.21 34.54
N ASN B 243 -8.92 -13.03 33.59
CA ASN B 243 -10.34 -13.22 33.31
C ASN B 243 -10.85 -14.58 33.78
N SER B 244 -9.94 -15.43 34.25
CA SER B 244 -10.26 -16.80 34.61
C SER B 244 -11.32 -16.90 35.71
N LYS B 245 -11.06 -16.23 36.85
CA LYS B 245 -11.97 -16.29 37.98
C LYS B 245 -13.34 -15.73 37.64
N ALA B 246 -13.35 -14.60 36.93
CA ALA B 246 -14.61 -13.95 36.55
C ALA B 246 -15.40 -14.82 35.58
N LEU B 247 -14.70 -15.54 34.71
CA LEU B 247 -15.35 -16.42 33.75
C LEU B 247 -16.03 -17.61 34.43
N ARG B 248 -15.31 -18.26 35.35
CA ARG B 248 -15.85 -19.41 36.06
C ARG B 248 -17.04 -19.02 36.92
N ARG B 249 -16.98 -17.83 37.52
CA ARG B 249 -18.08 -17.34 38.35
C ARG B 249 -19.34 -17.15 37.53
N LEU B 250 -19.19 -16.68 36.29
CA LEU B 250 -20.33 -16.41 35.43
C LEU B 250 -20.94 -17.71 34.92
N LEU B 251 -20.10 -18.71 34.67
CA LEU B 251 -20.55 -19.99 34.16
C LEU B 251 -21.27 -20.80 35.24
N GLU B 252 -20.80 -20.71 36.47
CA GLU B 252 -21.43 -21.44 37.58
C GLU B 252 -22.75 -20.79 37.98
N THR B 253 -22.87 -19.49 37.74
CA THR B 253 -24.08 -18.76 38.08
C THR B 253 -25.16 -18.96 37.02
N SER B 254 -24.74 -19.03 35.76
CA SER B 254 -25.67 -19.09 34.64
C SER B 254 -25.88 -20.52 34.14
N HIS B 255 -24.84 -21.35 34.20
CA HIS B 255 -24.85 -22.68 33.60
C HIS B 255 -25.24 -22.62 32.13
N ILE B 256 -24.91 -21.52 31.47
CA ILE B 256 -25.08 -21.42 30.03
C ILE B 256 -23.96 -22.22 29.37
N PRO B 257 -24.29 -23.01 28.32
CA PRO B 257 -23.26 -23.80 27.67
C PRO B 257 -22.15 -22.94 27.04
N VAL B 258 -20.98 -23.54 26.83
CA VAL B 258 -19.81 -22.82 26.34
C VAL B 258 -19.16 -23.56 25.17
N THR B 259 -18.66 -22.78 24.21
CA THR B 259 -17.83 -23.31 23.15
C THR B 259 -16.72 -22.29 22.88
N SER B 260 -15.52 -22.79 22.55
CA SER B 260 -14.34 -21.93 22.42
C SER B 260 -13.70 -22.01 21.05
N THR B 261 -13.08 -20.91 20.64
CA THR B 261 -12.18 -20.94 19.47
C THR B 261 -10.89 -21.60 19.90
N TYR B 262 -10.03 -21.93 18.95
CA TYR B 262 -8.79 -22.64 19.27
C TYR B 262 -7.78 -21.71 19.95
N GLN B 263 -7.96 -20.40 19.78
CA GLN B 263 -7.13 -19.43 20.50
C GLN B 263 -7.52 -19.38 21.98
N ALA B 264 -8.72 -19.86 22.28
CA ALA B 264 -9.20 -19.95 23.66
C ALA B 264 -9.45 -21.41 24.05
N ALA B 265 -8.70 -22.32 23.43
CA ALA B 265 -8.89 -23.75 23.62
C ALA B 265 -8.77 -24.15 25.08
N GLY B 266 -7.87 -23.47 25.80
CA GLY B 266 -7.59 -23.80 27.19
C GLY B 266 -8.32 -22.96 28.21
N ALA B 267 -9.23 -22.11 27.75
CA ALA B 267 -9.96 -21.20 28.63
C ALA B 267 -10.87 -21.96 29.59
N VAL B 268 -11.53 -22.99 29.09
CA VAL B 268 -12.42 -23.82 29.90
C VAL B 268 -12.31 -25.26 29.43
N ASN B 269 -12.29 -26.18 30.39
CA ASN B 269 -12.18 -27.61 30.08
C ASN B 269 -13.46 -28.32 30.50
N GLN B 270 -13.70 -29.49 29.89
CA GLN B 270 -14.88 -30.28 30.20
C GLN B 270 -14.86 -30.73 31.65
N ASP B 271 -13.66 -30.89 32.20
CA ASP B 271 -13.51 -31.41 33.55
C ASP B 271 -13.95 -30.37 34.57
N ASN B 272 -13.81 -29.09 34.23
CA ASN B 272 -14.15 -28.01 35.16
C ASN B 272 -15.50 -27.38 34.86
N PHE B 273 -16.14 -27.79 33.77
CA PHE B 273 -17.47 -27.29 33.42
C PHE B 273 -18.26 -28.34 32.65
N SER B 274 -19.45 -28.67 33.15
CA SER B 274 -20.26 -29.76 32.63
C SER B 274 -20.81 -29.51 31.23
N ARG B 275 -21.17 -28.26 30.94
CA ARG B 275 -21.85 -27.92 29.70
C ARG B 275 -20.90 -27.29 28.68
N PHE B 276 -19.68 -27.82 28.63
CA PHE B 276 -18.72 -27.41 27.61
C PHE B 276 -18.98 -28.18 26.32
N ALA B 277 -19.05 -27.46 25.21
CA ALA B 277 -19.45 -28.04 23.93
C ALA B 277 -18.27 -28.23 22.97
N GLY B 278 -17.05 -28.20 23.50
CA GLY B 278 -15.87 -28.43 22.68
C GLY B 278 -15.40 -27.17 21.96
N ARG B 279 -14.36 -27.33 21.14
CA ARG B 279 -13.81 -26.20 20.38
C ARG B 279 -14.39 -26.13 18.98
N VAL B 280 -14.65 -24.91 18.52
CA VAL B 280 -15.18 -24.66 17.19
C VAL B 280 -14.14 -23.93 16.35
N GLY B 281 -14.07 -24.28 15.06
CA GLY B 281 -13.13 -23.66 14.16
C GLY B 281 -12.77 -24.52 12.96
N LEU B 282 -12.59 -25.82 13.20
CA LEU B 282 -12.18 -26.74 12.15
C LEU B 282 -13.35 -27.59 11.63
N PHE B 283 -14.04 -28.26 12.53
CA PHE B 283 -15.02 -29.28 12.15
C PHE B 283 -16.43 -28.71 12.08
N ASN B 284 -17.22 -29.22 11.15
CA ASN B 284 -18.58 -28.72 10.92
C ASN B 284 -19.66 -29.50 11.68
N ASN B 285 -19.23 -30.43 12.54
CA ASN B 285 -20.16 -31.27 13.28
C ASN B 285 -19.83 -31.34 14.77
N GLN B 286 -19.49 -30.19 15.33
CA GLN B 286 -19.16 -30.09 16.75
C GLN B 286 -20.40 -29.66 17.53
N ALA B 287 -20.48 -30.09 18.78
CA ALA B 287 -21.60 -29.72 19.64
C ALA B 287 -21.72 -28.20 19.69
N GLY B 288 -20.57 -27.53 19.70
CA GLY B 288 -20.53 -26.08 19.71
C GLY B 288 -21.25 -25.48 18.52
N ASP B 289 -20.98 -26.01 17.33
CA ASP B 289 -21.60 -25.51 16.12
C ASP B 289 -23.11 -25.73 16.13
N ARG B 290 -23.53 -26.93 16.51
CA ARG B 290 -24.95 -27.25 16.55
C ARG B 290 -25.68 -26.32 17.51
N LEU B 291 -25.07 -26.02 18.65
CA LEU B 291 -25.68 -25.12 19.62
C LEU B 291 -25.68 -23.68 19.09
N LEU B 292 -24.66 -23.32 18.35
CA LEU B 292 -24.60 -21.98 17.75
C LEU B 292 -25.67 -21.82 16.68
N GLN B 293 -25.82 -22.84 15.83
CA GLN B 293 -26.86 -22.83 14.80
C GLN B 293 -28.24 -22.88 15.45
N LEU B 294 -28.31 -23.60 16.57
CA LEU B 294 -29.55 -23.73 17.33
C LEU B 294 -29.82 -22.49 18.16
N ALA B 295 -28.77 -21.75 18.48
CA ALA B 295 -28.85 -20.63 19.42
C ALA B 295 -29.89 -19.59 19.01
N ASP B 296 -30.48 -18.96 20.03
CA ASP B 296 -31.32 -17.79 19.83
C ASP B 296 -30.61 -16.56 20.42
N LEU B 297 -29.52 -16.83 21.15
CA LEU B 297 -28.69 -15.76 21.71
C LEU B 297 -27.25 -16.24 21.86
N VAL B 298 -26.32 -15.52 21.24
CA VAL B 298 -24.90 -15.85 21.32
C VAL B 298 -24.13 -14.69 21.92
N ILE B 299 -23.50 -14.93 23.08
CA ILE B 299 -22.67 -13.93 23.75
C ILE B 299 -21.20 -14.26 23.54
N CYS B 300 -20.52 -13.43 22.76
CA CYS B 300 -19.10 -13.63 22.46
C CYS B 300 -18.22 -12.91 23.49
N ILE B 301 -17.26 -13.64 24.04
CA ILE B 301 -16.35 -13.09 25.05
C ILE B 301 -14.90 -13.16 24.61
N GLY B 302 -14.25 -12.01 24.51
CA GLY B 302 -12.86 -11.94 24.14
C GLY B 302 -12.62 -12.41 22.71
N TYR B 303 -13.66 -12.27 21.89
CA TYR B 303 -13.67 -12.86 20.56
C TYR B 303 -13.55 -11.82 19.44
N SER B 304 -12.76 -12.18 18.44
CA SER B 304 -12.67 -11.40 17.20
C SER B 304 -13.01 -12.32 16.03
N PRO B 305 -13.71 -11.79 15.01
CA PRO B 305 -14.15 -12.62 13.87
C PRO B 305 -13.04 -13.43 13.21
N VAL B 306 -11.79 -12.96 13.26
CA VAL B 306 -10.68 -13.65 12.63
C VAL B 306 -10.44 -15.05 13.23
N GLU B 307 -10.79 -15.22 14.50
CA GLU B 307 -10.55 -16.48 15.19
C GLU B 307 -11.43 -17.60 14.63
N TYR B 308 -12.59 -17.22 14.12
CA TYR B 308 -13.53 -18.18 13.55
C TYR B 308 -14.51 -17.42 12.68
N GLU B 309 -14.39 -17.60 11.36
CA GLU B 309 -15.17 -16.83 10.40
C GLU B 309 -16.66 -16.91 10.72
N PRO B 310 -17.30 -15.76 11.01
CA PRO B 310 -18.74 -15.77 11.30
C PRO B 310 -19.58 -16.36 10.19
N ALA B 311 -19.06 -16.36 8.97
CA ALA B 311 -19.76 -16.95 7.83
C ALA B 311 -19.93 -18.46 7.99
N MET B 312 -19.19 -19.04 8.93
CA MET B 312 -19.21 -20.49 9.12
C MET B 312 -20.14 -20.94 10.24
N TRP B 313 -20.52 -20.03 11.13
CA TRP B 313 -21.30 -20.41 12.31
C TRP B 313 -22.49 -19.48 12.58
N ASN B 314 -22.39 -18.23 12.14
CA ASN B 314 -23.44 -17.26 12.43
C ASN B 314 -24.57 -17.37 11.41
N SER B 315 -25.64 -18.04 11.82
CA SER B 315 -26.81 -18.20 10.96
C SER B 315 -27.52 -16.87 10.76
N GLY B 316 -27.35 -15.97 11.73
CA GLY B 316 -28.00 -14.66 11.68
C GLY B 316 -29.34 -14.69 12.37
N ASN B 317 -29.83 -15.90 12.67
CA ASN B 317 -31.12 -16.07 13.32
C ASN B 317 -31.06 -15.80 14.81
N ALA B 318 -29.84 -15.61 15.34
CA ALA B 318 -29.64 -15.43 16.77
C ALA B 318 -29.22 -14.00 17.10
N THR B 319 -29.69 -13.51 18.24
CA THR B 319 -29.23 -12.23 18.78
C THR B 319 -27.74 -12.33 19.13
N LEU B 320 -26.97 -11.34 18.71
CA LEU B 320 -25.51 -11.37 18.86
C LEU B 320 -25.00 -10.30 19.84
N VAL B 321 -24.33 -10.76 20.89
CA VAL B 321 -23.73 -9.87 21.89
C VAL B 321 -22.20 -9.95 21.85
N HIS B 322 -21.55 -8.79 21.91
CA HIS B 322 -20.10 -8.69 21.82
C HIS B 322 -19.48 -8.16 23.12
N ILE B 323 -18.61 -8.96 23.72
CA ILE B 323 -17.92 -8.57 24.95
C ILE B 323 -16.40 -8.70 24.78
N ASP B 324 -15.71 -7.57 24.75
CA ASP B 324 -14.26 -7.57 24.58
C ASP B 324 -13.64 -6.27 25.06
N VAL B 325 -12.31 -6.20 25.05
CA VAL B 325 -11.59 -4.98 25.43
C VAL B 325 -11.59 -3.95 24.31
N LEU B 326 -11.97 -4.37 23.10
CA LEU B 326 -12.09 -3.45 21.96
C LEU B 326 -13.47 -3.52 21.32
N PRO B 327 -13.88 -2.46 20.61
CA PRO B 327 -15.13 -2.53 19.84
C PRO B 327 -15.06 -3.54 18.69
N ALA B 328 -16.21 -4.07 18.30
CA ALA B 328 -16.29 -5.04 17.22
C ALA B 328 -15.97 -4.40 15.86
N TYR B 329 -15.26 -5.14 15.02
CA TYR B 329 -15.06 -4.73 13.63
C TYR B 329 -16.17 -5.33 12.77
N GLU B 330 -17.26 -4.60 12.62
CA GLU B 330 -18.46 -5.12 11.99
C GLU B 330 -18.25 -5.55 10.54
N GLU B 331 -18.94 -6.61 10.14
CA GLU B 331 -18.85 -7.17 8.80
C GLU B 331 -20.18 -7.80 8.42
N ARG B 332 -20.29 -8.30 7.19
CA ARG B 332 -21.55 -8.82 6.67
C ARG B 332 -22.13 -9.95 7.51
N ASN B 333 -21.28 -10.75 8.15
CA ASN B 333 -21.75 -11.86 8.98
C ASN B 333 -21.43 -11.65 10.46
N TYR B 334 -21.17 -10.41 10.87
CA TYR B 334 -20.91 -10.12 12.27
C TYR B 334 -21.32 -8.68 12.61
N THR B 335 -22.58 -8.52 12.95
CA THR B 335 -23.13 -7.22 13.32
C THR B 335 -23.77 -7.33 14.69
N PRO B 336 -22.96 -7.20 15.75
CA PRO B 336 -23.46 -7.33 17.13
C PRO B 336 -24.65 -6.41 17.40
N ASP B 337 -25.72 -6.99 17.92
CA ASP B 337 -26.90 -6.22 18.29
C ASP B 337 -26.63 -5.43 19.55
N VAL B 338 -25.76 -5.97 20.41
CA VAL B 338 -25.35 -5.31 21.64
C VAL B 338 -23.83 -5.40 21.76
N GLU B 339 -23.23 -4.36 22.31
CA GLU B 339 -21.77 -4.26 22.35
C GLU B 339 -21.31 -3.79 23.73
N LEU B 340 -20.72 -4.71 24.48
CA LEU B 340 -20.18 -4.41 25.80
C LEU B 340 -18.66 -4.31 25.71
N VAL B 341 -18.15 -3.09 25.62
CA VAL B 341 -16.71 -2.86 25.53
C VAL B 341 -16.15 -2.37 26.86
N GLY B 342 -15.04 -2.97 27.27
CA GLY B 342 -14.41 -2.60 28.53
C GLY B 342 -13.61 -3.78 29.10
N ASP B 343 -13.24 -3.65 30.36
CA ASP B 343 -12.55 -4.73 31.06
C ASP B 343 -13.45 -5.97 31.13
N ILE B 344 -12.96 -7.09 30.62
CA ILE B 344 -13.75 -8.30 30.52
C ILE B 344 -14.12 -8.85 31.90
N ALA B 345 -13.14 -8.98 32.78
CA ALA B 345 -13.37 -9.53 34.11
C ALA B 345 -14.44 -8.73 34.85
N GLY B 346 -14.37 -7.42 34.75
CA GLY B 346 -15.33 -6.54 35.40
C GLY B 346 -16.70 -6.63 34.76
N THR B 347 -16.73 -6.83 33.45
CA THR B 347 -17.98 -6.96 32.73
C THR B 347 -18.70 -8.25 33.10
N LEU B 348 -17.96 -9.35 33.15
CA LEU B 348 -18.55 -10.65 33.45
C LEU B 348 -19.02 -10.73 34.91
N ASN B 349 -18.27 -10.07 35.80
CA ASN B 349 -18.65 -10.02 37.21
C ASN B 349 -19.97 -9.30 37.39
N LYS B 350 -20.10 -8.13 36.77
CA LYS B 350 -21.34 -7.37 36.82
C LYS B 350 -22.48 -8.16 36.21
N LEU B 351 -22.21 -8.77 35.06
CA LEU B 351 -23.22 -9.55 34.36
C LEU B 351 -23.70 -10.72 35.21
N ALA B 352 -22.77 -11.35 35.93
CA ALA B 352 -23.09 -12.48 36.79
C ALA B 352 -24.04 -12.10 37.92
N GLN B 353 -23.84 -10.89 38.46
CA GLN B 353 -24.66 -10.41 39.57
C GLN B 353 -26.09 -10.11 39.16
N ASN B 354 -26.36 -10.20 37.86
CA ASN B 354 -27.68 -9.92 37.32
C ASN B 354 -28.32 -11.16 36.68
N ILE B 355 -27.73 -12.32 36.95
CA ILE B 355 -28.33 -13.59 36.55
C ILE B 355 -29.30 -14.03 37.63
N ASP B 356 -30.60 -13.99 37.33
CA ASP B 356 -31.63 -14.32 38.31
C ASP B 356 -31.72 -15.83 38.56
N HIS B 357 -31.48 -16.61 37.51
CA HIS B 357 -31.65 -18.06 37.58
C HIS B 357 -30.73 -18.80 36.60
N ARG B 358 -30.42 -20.05 36.94
CA ARG B 358 -29.65 -20.91 36.04
C ARG B 358 -30.49 -21.36 34.86
N LEU B 359 -29.82 -21.63 33.73
CA LEU B 359 -30.49 -22.07 32.52
C LEU B 359 -31.02 -23.49 32.63
N VAL B 360 -32.26 -23.69 32.19
CA VAL B 360 -32.80 -25.04 31.99
C VAL B 360 -32.66 -25.39 30.51
N LEU B 361 -31.78 -26.34 30.22
CA LEU B 361 -31.46 -26.70 28.84
C LEU B 361 -32.67 -27.21 28.07
N SER B 362 -32.75 -26.81 26.80
CA SER B 362 -33.79 -27.33 25.92
C SER B 362 -33.48 -28.78 25.62
N PRO B 363 -34.49 -29.56 25.24
CA PRO B 363 -34.24 -30.97 24.91
C PRO B 363 -33.21 -31.12 23.80
N GLN B 364 -33.24 -30.21 22.84
CA GLN B 364 -32.29 -30.24 21.74
C GLN B 364 -30.90 -29.89 22.26
N ALA B 365 -30.82 -28.86 23.10
CA ALA B 365 -29.56 -28.44 23.69
C ALA B 365 -28.96 -29.54 24.56
N ALA B 366 -29.79 -30.14 25.41
CA ALA B 366 -29.35 -31.20 26.30
C ALA B 366 -28.94 -32.45 25.53
N GLU B 367 -29.63 -32.72 24.42
CA GLU B 367 -29.32 -33.89 23.59
C GLU B 367 -27.96 -33.73 22.91
N ILE B 368 -27.68 -32.52 22.44
CA ILE B 368 -26.41 -32.23 21.76
C ILE B 368 -25.23 -32.50 22.69
N LEU B 369 -25.34 -32.03 23.93
CA LEU B 369 -24.27 -32.20 24.91
C LEU B 369 -24.16 -33.66 25.34
N ARG B 370 -25.29 -34.35 25.39
CA ARG B 370 -25.33 -35.77 25.73
C ARG B 370 -24.65 -36.61 24.65
N ASP B 371 -24.92 -36.26 23.39
CA ASP B 371 -24.33 -36.97 22.25
C ASP B 371 -22.81 -36.84 22.22
N ARG B 372 -22.32 -35.67 22.62
CA ARG B 372 -20.89 -35.38 22.62
C ARG B 372 -20.10 -36.22 23.63
N GLN B 373 -20.64 -36.37 24.84
CA GLN B 373 -19.96 -37.11 25.89
C GLN B 373 -19.92 -38.62 25.62
N HIS B 374 -21.07 -39.13 25.23
CA HIS B 374 -21.29 -40.52 24.95
C HIS B 374 -20.43 -41.02 23.80
N GLN B 375 -20.33 -40.23 22.74
CA GLN B 375 -19.52 -40.53 21.56
C GLN B 375 -18.06 -40.70 21.96
N ARG B 376 -17.60 -39.82 22.85
CA ARG B 376 -16.21 -39.82 23.31
C ARG B 376 -15.83 -41.08 24.08
N GLU B 377 -16.78 -41.64 24.82
CA GLU B 377 -16.54 -42.87 25.57
C GLU B 377 -16.63 -44.07 24.63
N LEU B 378 -15.51 -44.39 23.98
CA LEU B 378 -15.49 -45.43 22.95
C LEU B 378 -15.27 -46.81 23.56
N GLN B 385 -6.92 -51.10 19.13
CA GLN B 385 -6.94 -52.47 18.66
C GLN B 385 -6.56 -52.55 17.17
N LEU B 386 -5.87 -51.53 16.69
CA LEU B 386 -5.53 -51.42 15.28
C LEU B 386 -4.05 -51.74 15.04
N ASN B 387 -3.78 -53.01 14.75
CA ASN B 387 -2.41 -53.48 14.58
C ASN B 387 -1.93 -53.42 13.14
N GLN B 388 -2.55 -52.56 12.34
CA GLN B 388 -2.14 -52.37 10.95
C GLN B 388 -0.84 -51.56 10.88
N PHE B 389 0.03 -51.95 9.95
CA PHE B 389 1.27 -51.21 9.67
C PHE B 389 1.25 -50.73 8.22
N ALA B 390 1.53 -49.45 7.96
CA ALA B 390 1.93 -48.45 8.96
C ALA B 390 0.81 -48.09 9.92
N LEU B 391 1.18 -47.43 11.02
CA LEU B 391 0.25 -47.14 12.10
C LEU B 391 -0.95 -46.33 11.63
N HIS B 392 -2.13 -46.71 12.11
CA HIS B 392 -3.34 -45.94 11.84
C HIS B 392 -3.29 -44.67 12.68
N PRO B 393 -3.74 -43.53 12.12
CA PRO B 393 -3.70 -42.27 12.87
C PRO B 393 -4.31 -42.38 14.27
N LEU B 394 -5.49 -42.97 14.37
CA LEU B 394 -6.18 -43.10 15.65
C LEU B 394 -5.35 -43.87 16.67
N ARG B 395 -4.56 -44.82 16.20
CA ARG B 395 -3.65 -45.56 17.08
C ARG B 395 -2.61 -44.63 17.68
N ILE B 396 -2.07 -43.74 16.84
CA ILE B 396 -1.03 -42.81 17.29
C ILE B 396 -1.59 -41.80 18.28
N VAL B 397 -2.82 -41.34 18.04
CA VAL B 397 -3.46 -40.38 18.93
C VAL B 397 -3.67 -40.98 20.32
N ARG B 398 -4.08 -42.24 20.36
CA ARG B 398 -4.31 -42.92 21.63
C ARG B 398 -3.00 -43.09 22.40
N ALA B 399 -1.94 -43.40 21.67
CA ALA B 399 -0.63 -43.57 22.29
C ALA B 399 -0.11 -42.25 22.85
N MET B 400 -0.39 -41.17 22.15
CA MET B 400 0.02 -39.84 22.60
C MET B 400 -0.71 -39.44 23.88
N GLN B 401 -1.99 -39.78 23.95
CA GLN B 401 -2.81 -39.45 25.10
C GLN B 401 -2.29 -40.10 26.39
N ASP B 402 -1.73 -41.30 26.24
CA ASP B 402 -1.22 -42.05 27.38
C ASP B 402 0.00 -41.38 28.02
N ILE B 403 0.89 -40.85 27.20
CA ILE B 403 2.14 -40.28 27.70
C ILE B 403 2.00 -38.80 28.06
N VAL B 404 1.03 -38.13 27.46
CA VAL B 404 0.79 -36.71 27.74
C VAL B 404 -0.22 -36.56 28.87
N ASN B 405 0.28 -36.22 30.05
CA ASN B 405 -0.55 -35.97 31.22
C ASN B 405 -0.56 -34.49 31.61
N SER B 406 -1.19 -34.16 32.73
CA SER B 406 -1.39 -32.77 33.13
C SER B 406 -0.09 -32.06 33.51
N ASP B 407 1.01 -32.80 33.56
CA ASP B 407 2.32 -32.21 33.82
C ASP B 407 3.13 -32.05 32.54
N VAL B 408 2.50 -32.35 31.41
CA VAL B 408 3.17 -32.30 30.11
C VAL B 408 2.51 -31.25 29.22
N THR B 409 3.34 -30.42 28.59
CA THR B 409 2.86 -29.46 27.60
C THR B 409 2.89 -30.11 26.22
N LEU B 410 1.86 -29.85 25.42
CA LEU B 410 1.77 -30.38 24.07
C LEU B 410 1.82 -29.27 23.03
N THR B 411 2.70 -29.41 22.05
CA THR B 411 2.76 -28.49 20.93
C THR B 411 2.52 -29.25 19.62
N VAL B 412 1.71 -28.67 18.75
CA VAL B 412 1.29 -29.34 17.52
C VAL B 412 1.65 -28.52 16.29
N ASP B 413 2.28 -29.16 15.32
CA ASP B 413 2.65 -28.49 14.07
C ASP B 413 1.43 -28.50 13.13
N MET B 414 1.65 -28.14 11.87
CA MET B 414 0.55 -28.10 10.90
C MET B 414 0.65 -29.21 9.87
N GLY B 415 -0.48 -29.86 9.61
CA GLY B 415 -0.55 -30.98 8.69
C GLY B 415 -1.81 -31.78 8.94
N SER B 416 -1.87 -33.00 8.40
CA SER B 416 -3.06 -33.84 8.56
C SER B 416 -3.20 -34.30 10.02
N PHE B 417 -2.07 -34.61 10.65
CA PHE B 417 -2.04 -35.00 12.06
C PHE B 417 -2.68 -33.94 12.96
N HIS B 418 -2.54 -32.68 12.57
CA HIS B 418 -3.14 -31.57 13.30
C HIS B 418 -4.64 -31.76 13.39
N ILE B 419 -5.24 -32.20 12.28
CA ILE B 419 -6.69 -32.43 12.23
C ILE B 419 -7.07 -33.60 13.12
N TRP B 420 -6.29 -34.69 13.05
CA TRP B 420 -6.54 -35.86 13.87
C TRP B 420 -6.47 -35.52 15.35
N ILE B 421 -5.41 -34.85 15.76
CA ILE B 421 -5.24 -34.44 17.15
C ILE B 421 -6.35 -33.49 17.57
N ALA B 422 -6.66 -32.54 16.71
CA ALA B 422 -7.71 -31.56 16.97
C ALA B 422 -9.06 -32.24 17.16
N ARG B 423 -9.28 -33.31 16.39
CA ARG B 423 -10.56 -34.00 16.43
C ARG B 423 -10.76 -34.66 17.79
N TYR B 424 -9.68 -35.17 18.35
CA TYR B 424 -9.72 -35.86 19.64
C TYR B 424 -9.08 -35.01 20.75
N LEU B 425 -9.20 -33.69 20.64
CA LEU B 425 -8.58 -32.78 21.60
C LEU B 425 -9.25 -32.85 22.97
N TYR B 426 -10.49 -33.32 22.99
CA TYR B 426 -11.24 -33.43 24.24
C TYR B 426 -10.62 -34.47 25.18
N SER B 427 -9.95 -35.46 24.60
CA SER B 427 -9.43 -36.59 25.38
C SER B 427 -7.97 -36.43 25.78
N PHE B 428 -7.37 -35.29 25.42
CA PHE B 428 -6.02 -34.98 25.85
C PHE B 428 -6.07 -34.24 27.18
N ARG B 429 -5.26 -34.70 28.14
CA ARG B 429 -5.26 -34.14 29.48
C ARG B 429 -3.96 -33.40 29.79
N ALA B 430 -3.55 -32.53 28.87
CA ALA B 430 -2.29 -31.81 29.00
C ALA B 430 -2.48 -30.52 29.81
N ARG B 431 -1.43 -30.10 30.49
CA ARG B 431 -1.43 -28.82 31.20
C ARG B 431 -1.75 -27.69 30.25
N GLN B 432 -0.97 -27.60 29.18
CA GLN B 432 -1.19 -26.60 28.14
C GLN B 432 -0.98 -27.23 26.78
N VAL B 433 -1.76 -26.78 25.80
CA VAL B 433 -1.65 -27.25 24.44
C VAL B 433 -1.54 -26.09 23.46
N MET B 434 -0.39 -26.00 22.79
CA MET B 434 -0.21 -25.06 21.69
C MET B 434 -0.53 -25.75 20.38
N ILE B 435 -1.65 -25.38 19.78
CA ILE B 435 -2.13 -26.00 18.54
C ILE B 435 -2.72 -24.98 17.59
N SER B 436 -3.32 -23.94 18.15
CA SER B 436 -3.93 -22.87 17.36
C SER B 436 -2.93 -22.30 16.35
N ASN B 437 -3.33 -22.25 15.08
CA ASN B 437 -2.43 -21.85 14.00
C ASN B 437 -3.19 -21.37 12.78
N GLY B 438 -3.66 -20.12 12.85
CA GLY B 438 -4.43 -19.51 11.79
C GLY B 438 -3.66 -19.38 10.49
N GLN B 439 -2.41 -18.96 10.58
CA GLN B 439 -1.55 -18.83 9.40
C GLN B 439 -1.18 -20.20 8.84
N GLN B 440 -1.41 -21.25 9.63
CA GLN B 440 -1.12 -22.62 9.22
C GLN B 440 0.35 -22.79 8.88
N THR B 441 1.20 -22.12 9.65
CA THR B 441 2.64 -22.18 9.47
C THR B 441 3.21 -23.53 9.88
N MET B 442 4.11 -24.07 9.04
CA MET B 442 4.79 -25.32 9.36
C MET B 442 6.05 -25.07 10.18
N GLY B 443 6.47 -26.08 10.92
CA GLY B 443 7.72 -26.02 11.67
C GLY B 443 7.63 -25.32 13.01
N VAL B 444 6.42 -25.04 13.46
CA VAL B 444 6.22 -24.30 14.70
C VAL B 444 6.36 -25.15 15.95
N ALA B 445 6.07 -26.45 15.82
CA ALA B 445 5.96 -27.35 16.97
C ALA B 445 7.24 -27.40 17.80
N LEU B 446 8.37 -27.75 17.17
CA LEU B 446 9.61 -27.95 17.92
C LEU B 446 10.09 -26.66 18.57
N PRO B 447 10.11 -25.53 17.84
CA PRO B 447 10.50 -24.29 18.50
C PRO B 447 9.55 -23.89 19.62
N TRP B 448 8.26 -24.13 19.43
CA TRP B 448 7.27 -23.86 20.48
C TRP B 448 7.61 -24.62 21.76
N ALA B 449 8.01 -25.88 21.59
CA ALA B 449 8.30 -26.74 22.73
C ALA B 449 9.55 -26.27 23.48
N ILE B 450 10.58 -25.86 22.73
CA ILE B 450 11.80 -25.34 23.34
C ILE B 450 11.49 -24.08 24.13
N GLY B 451 10.64 -23.21 23.57
CA GLY B 451 10.24 -21.99 24.22
C GLY B 451 9.43 -22.29 25.47
N ALA B 452 8.55 -23.28 25.37
CA ALA B 452 7.69 -23.66 26.49
C ALA B 452 8.52 -24.28 27.62
N TRP B 453 9.50 -25.11 27.24
CA TRP B 453 10.36 -25.76 28.23
C TRP B 453 11.19 -24.73 28.99
N LEU B 454 11.66 -23.70 28.29
CA LEU B 454 12.49 -22.67 28.92
C LEU B 454 11.72 -21.91 30.00
N VAL B 455 10.39 -21.89 29.88
CA VAL B 455 9.54 -21.25 30.88
C VAL B 455 9.36 -22.17 32.09
N ASN B 456 9.28 -23.47 31.82
CA ASN B 456 9.11 -24.47 32.89
C ASN B 456 10.02 -25.68 32.68
N PRO B 457 11.33 -25.51 32.92
CA PRO B 457 12.32 -26.56 32.66
C PRO B 457 12.05 -27.87 33.41
N GLU B 458 11.43 -27.77 34.59
CA GLU B 458 11.20 -28.94 35.42
C GLU B 458 10.16 -29.87 34.80
N ARG B 459 9.37 -29.35 33.87
CA ARG B 459 8.33 -30.13 33.22
C ARG B 459 8.77 -30.59 31.84
N LYS B 460 8.11 -31.64 31.35
CA LYS B 460 8.43 -32.18 30.03
C LYS B 460 7.49 -31.60 28.98
N VAL B 461 7.99 -31.47 27.75
CA VAL B 461 7.20 -30.99 26.64
C VAL B 461 7.23 -31.99 25.49
N VAL B 462 6.06 -32.28 24.94
CA VAL B 462 5.95 -33.16 23.77
C VAL B 462 5.53 -32.33 22.56
N SER B 463 6.31 -32.42 21.50
CA SER B 463 5.99 -31.75 20.23
C SER B 463 5.70 -32.79 19.15
N VAL B 464 4.78 -32.46 18.25
CA VAL B 464 4.40 -33.37 17.19
C VAL B 464 4.30 -32.63 15.87
N SER B 465 4.89 -33.22 14.83
CA SER B 465 4.85 -32.64 13.50
C SER B 465 4.81 -33.75 12.45
N GLY B 466 4.74 -33.34 11.19
CA GLY B 466 4.88 -34.26 10.07
C GLY B 466 6.32 -34.22 9.62
N ASP B 467 6.66 -35.02 8.61
CA ASP B 467 8.02 -35.02 8.07
C ASP B 467 8.30 -33.71 7.35
N GLY B 468 7.28 -33.14 6.71
CA GLY B 468 7.41 -31.87 6.03
C GLY B 468 7.72 -30.72 6.98
N GLY B 469 6.87 -30.54 7.98
CA GLY B 469 7.04 -29.47 8.95
C GLY B 469 8.30 -29.63 9.76
N PHE B 470 8.63 -30.88 10.07
CA PHE B 470 9.80 -31.20 10.88
C PHE B 470 11.06 -30.61 10.27
N LEU B 471 11.28 -30.87 8.98
CA LEU B 471 12.53 -30.49 8.33
C LEU B 471 12.65 -28.97 8.10
N GLN B 472 11.56 -28.24 8.32
CA GLN B 472 11.61 -26.78 8.19
C GLN B 472 12.14 -26.11 9.44
N SER B 473 12.15 -26.82 10.57
CA SER B 473 12.67 -26.27 11.82
C SER B 473 13.56 -27.27 12.58
N SER B 474 13.90 -28.37 11.91
CA SER B 474 14.68 -29.43 12.55
C SER B 474 16.08 -28.96 12.99
N MET B 475 16.54 -27.84 12.45
CA MET B 475 17.88 -27.35 12.80
C MET B 475 17.97 -26.94 14.27
N GLU B 476 16.81 -26.74 14.90
CA GLU B 476 16.80 -26.32 16.30
C GLU B 476 16.95 -27.51 17.24
N LEU B 477 17.15 -28.70 16.69
CA LEU B 477 17.48 -29.87 17.51
C LEU B 477 18.82 -29.65 18.20
N GLU B 478 19.75 -29.01 17.49
CA GLU B 478 21.05 -28.68 18.05
C GLU B 478 20.87 -27.75 19.23
N THR B 479 19.96 -26.80 19.08
CA THR B 479 19.66 -25.85 20.14
C THR B 479 19.08 -26.59 21.34
N ALA B 480 18.25 -27.59 21.07
CA ALA B 480 17.66 -28.40 22.13
C ALA B 480 18.70 -29.20 22.91
N VAL B 481 19.63 -29.84 22.20
CA VAL B 481 20.70 -30.60 22.84
C VAL B 481 21.59 -29.66 23.66
N ARG B 482 21.85 -28.49 23.09
CA ARG B 482 22.67 -27.48 23.74
C ARG B 482 22.01 -26.95 25.00
N LEU B 483 20.69 -26.86 25.01
CA LEU B 483 19.95 -26.38 26.18
C LEU B 483 19.61 -27.50 27.15
N LYS B 484 19.87 -28.74 26.74
CA LYS B 484 19.45 -29.92 27.50
C LYS B 484 17.94 -29.90 27.67
N ALA B 485 17.25 -29.36 26.66
CA ALA B 485 15.81 -29.20 26.71
C ALA B 485 15.12 -30.56 26.76
N ASN B 486 14.21 -30.72 27.72
CA ASN B 486 13.49 -31.98 27.91
C ASN B 486 12.30 -32.07 26.95
N VAL B 487 12.59 -32.20 25.66
CA VAL B 487 11.57 -32.21 24.63
C VAL B 487 11.53 -33.54 23.89
N LEU B 488 10.31 -34.08 23.74
CA LEU B 488 10.08 -35.29 22.96
C LEU B 488 9.33 -34.93 21.68
N HIS B 489 10.02 -34.99 20.55
CA HIS B 489 9.40 -34.68 19.26
C HIS B 489 8.97 -35.95 18.54
N LEU B 490 7.69 -36.00 18.15
CA LEU B 490 7.16 -37.14 17.41
C LEU B 490 6.91 -36.73 15.95
N ILE B 491 7.30 -37.60 15.02
CA ILE B 491 7.11 -37.34 13.59
C ILE B 491 6.16 -38.34 12.95
N TRP B 492 5.06 -37.85 12.41
CA TRP B 492 4.18 -38.67 11.58
C TRP B 492 4.78 -38.75 10.17
N VAL B 493 5.40 -39.88 9.87
CA VAL B 493 6.14 -40.04 8.62
C VAL B 493 5.29 -40.68 7.53
N ASP B 494 5.07 -39.93 6.46
CA ASP B 494 4.37 -40.44 5.27
C ASP B 494 5.18 -40.15 4.01
N ASN B 495 6.30 -39.45 4.16
CA ASN B 495 7.13 -39.03 3.04
C ASN B 495 6.37 -38.22 2.00
N GLY B 496 5.69 -37.16 2.44
CA GLY B 496 4.95 -36.29 1.55
C GLY B 496 4.23 -35.18 2.28
N TYR B 497 3.66 -34.25 1.52
CA TYR B 497 2.82 -33.19 2.07
C TYR B 497 1.36 -33.62 1.98
N ASN B 498 0.91 -34.43 2.95
CA ASN B 498 -0.36 -35.13 2.82
C ASN B 498 -1.59 -34.23 2.86
N MET B 499 -1.61 -33.26 3.77
CA MET B 499 -2.80 -32.43 3.94
C MET B 499 -3.12 -31.68 2.64
N VAL B 500 -2.07 -31.47 1.84
CA VAL B 500 -2.23 -30.84 0.52
C VAL B 500 -2.68 -31.89 -0.49
N ALA B 501 -2.11 -33.08 -0.39
CA ALA B 501 -2.40 -34.17 -1.32
C ALA B 501 -3.88 -34.55 -1.31
N ILE B 502 -4.48 -34.55 -0.12
CA ILE B 502 -5.90 -34.89 0.04
C ILE B 502 -6.78 -33.95 -0.76
N GLN B 503 -6.49 -32.69 -0.66
CA GLN B 503 -7.24 -31.70 -1.38
C GLN B 503 -7.07 -31.84 -2.88
N GLU B 504 -5.88 -32.19 -3.32
CA GLU B 504 -5.60 -32.41 -4.73
C GLU B 504 -6.35 -33.63 -5.25
N GLU B 505 -6.34 -34.70 -4.46
CA GLU B 505 -6.99 -35.95 -4.84
C GLU B 505 -8.49 -35.72 -5.00
N LYS B 506 -9.05 -34.94 -4.09
CA LYS B 506 -10.49 -34.69 -4.06
C LYS B 506 -10.93 -33.80 -5.22
N LYS B 507 -10.06 -32.89 -5.63
CA LYS B 507 -10.41 -31.89 -6.64
C LYS B 507 -9.99 -32.30 -8.05
N TYR B 508 -8.87 -33.00 -8.17
CA TYR B 508 -8.27 -33.27 -9.47
C TYR B 508 -8.06 -34.76 -9.74
N GLN B 509 -8.22 -35.58 -8.71
CA GLN B 509 -7.98 -37.02 -8.80
C GLN B 509 -6.56 -37.34 -9.28
N ARG B 510 -5.62 -36.48 -8.91
CA ARG B 510 -4.20 -36.71 -9.18
C ARG B 510 -3.34 -35.80 -8.31
N LEU B 511 -2.09 -36.18 -8.10
CA LEU B 511 -1.19 -35.47 -7.20
C LEU B 511 -0.13 -34.67 -7.97
N SER B 512 0.29 -33.57 -7.37
CA SER B 512 1.33 -32.72 -7.93
C SER B 512 2.16 -32.04 -6.84
N GLY B 513 3.44 -32.39 -6.80
CA GLY B 513 4.40 -31.77 -5.91
C GLY B 513 4.15 -31.99 -4.43
N VAL B 514 3.59 -33.14 -4.08
CA VAL B 514 3.26 -33.47 -2.69
C VAL B 514 4.02 -34.70 -2.18
N GLU B 515 4.90 -35.25 -3.02
CA GLU B 515 5.65 -36.45 -2.67
C GLU B 515 7.16 -36.18 -2.65
N PHE B 516 7.84 -36.71 -1.63
CA PHE B 516 9.29 -36.67 -1.58
C PHE B 516 9.84 -37.97 -0.98
N GLY B 517 11.17 -38.05 -0.84
CA GLY B 517 11.82 -39.27 -0.44
C GLY B 517 11.79 -39.56 1.04
N PRO B 518 12.31 -40.74 1.44
CA PRO B 518 12.38 -41.17 2.84
C PRO B 518 13.66 -40.71 3.54
N MET B 519 13.70 -40.85 4.86
CA MET B 519 14.87 -40.50 5.66
C MET B 519 15.01 -41.41 6.87
N ASP B 520 16.24 -41.56 7.35
CA ASP B 520 16.49 -42.29 8.59
C ASP B 520 16.44 -41.32 9.77
N PHE B 521 15.23 -41.03 10.23
CA PHE B 521 15.03 -40.00 11.25
C PHE B 521 15.67 -40.37 12.59
N LYS B 522 15.84 -41.67 12.83
CA LYS B 522 16.52 -42.11 14.05
C LYS B 522 17.98 -41.66 14.03
N ALA B 523 18.69 -42.05 12.98
CA ALA B 523 20.09 -41.67 12.81
C ALA B 523 20.21 -40.16 12.66
N TYR B 524 19.23 -39.54 12.03
CA TYR B 524 19.19 -38.09 11.85
C TYR B 524 19.22 -37.39 13.20
N ALA B 525 18.38 -37.85 14.12
CA ALA B 525 18.30 -37.27 15.45
C ALA B 525 19.58 -37.52 16.24
N GLU B 526 20.18 -38.69 16.02
CA GLU B 526 21.38 -39.08 16.76
C GLU B 526 22.61 -38.28 16.34
N SER B 527 22.60 -37.75 15.12
CA SER B 527 23.72 -36.96 14.63
C SER B 527 23.80 -35.61 15.36
N PHE B 528 22.71 -35.25 16.04
CA PHE B 528 22.67 -34.03 16.84
C PHE B 528 23.19 -34.28 18.26
N GLY B 529 23.21 -35.55 18.65
CA GLY B 529 23.54 -35.93 20.01
C GLY B 529 22.30 -36.11 20.85
N ALA B 530 21.15 -36.24 20.18
CA ALA B 530 19.88 -36.49 20.83
C ALA B 530 19.52 -37.96 20.68
N LYS B 531 18.53 -38.41 21.45
CA LYS B 531 18.12 -39.81 21.40
C LYS B 531 17.15 -40.07 20.26
N GLY B 532 17.49 -41.04 19.41
CA GLY B 532 16.68 -41.35 18.25
C GLY B 532 15.87 -42.63 18.39
N PHE B 533 14.66 -42.60 17.82
CA PHE B 533 13.78 -43.76 17.83
C PHE B 533 13.02 -43.86 16.51
N ALA B 534 12.74 -45.09 16.09
CA ALA B 534 11.98 -45.33 14.87
C ALA B 534 11.07 -46.54 15.05
N VAL B 535 9.76 -46.32 14.92
CA VAL B 535 8.78 -47.38 15.11
C VAL B 535 8.66 -48.24 13.86
N GLU B 536 9.23 -49.44 13.91
CA GLU B 536 9.26 -50.34 12.77
C GLU B 536 8.16 -51.42 12.86
N SER B 537 7.29 -51.29 13.86
CA SER B 537 6.20 -52.25 14.03
C SER B 537 5.07 -51.63 14.86
N ALA B 538 3.84 -52.01 14.56
CA ALA B 538 2.68 -51.45 15.24
C ALA B 538 2.70 -51.75 16.74
N GLU B 539 3.16 -52.94 17.11
CA GLU B 539 3.21 -53.34 18.51
C GLU B 539 4.29 -52.60 19.28
N ALA B 540 5.22 -51.97 18.55
CA ALA B 540 6.35 -51.28 19.17
C ALA B 540 6.09 -49.79 19.37
N LEU B 541 4.89 -49.34 19.01
CA LEU B 541 4.54 -47.93 19.12
C LEU B 541 4.60 -47.44 20.55
N GLU B 542 3.74 -48.02 21.40
CA GLU B 542 3.62 -47.57 22.79
C GLU B 542 4.90 -47.77 23.60
N PRO B 543 5.53 -48.95 23.48
CA PRO B 543 6.80 -49.15 24.17
C PRO B 543 7.87 -48.12 23.79
N THR B 544 7.92 -47.74 22.52
CA THR B 544 8.90 -46.77 22.05
C THR B 544 8.65 -45.39 22.63
N LEU B 545 7.39 -44.95 22.58
CA LEU B 545 7.01 -43.66 23.11
C LEU B 545 7.24 -43.61 24.61
N ARG B 546 6.91 -44.70 25.28
CA ARG B 546 7.09 -44.80 26.72
C ARG B 546 8.56 -44.66 27.07
N ALA B 547 9.42 -45.29 26.27
CA ALA B 547 10.86 -45.24 26.46
C ALA B 547 11.44 -43.86 26.17
N ALA B 548 10.96 -43.24 25.09
CA ALA B 548 11.44 -41.92 24.68
C ALA B 548 11.06 -40.87 25.71
N MET B 549 9.94 -41.08 26.39
CA MET B 549 9.49 -40.18 27.45
C MET B 549 10.44 -40.23 28.64
N ASP B 550 10.92 -41.42 28.96
CA ASP B 550 11.77 -41.62 30.14
C ASP B 550 13.17 -41.03 29.93
N VAL B 551 13.47 -40.64 28.70
CA VAL B 551 14.72 -39.95 28.39
C VAL B 551 14.69 -38.54 28.97
N ASP B 552 15.71 -38.20 29.77
CA ASP B 552 15.83 -36.87 30.34
C ASP B 552 16.64 -35.98 29.40
N GLY B 553 15.98 -35.52 28.33
CA GLY B 553 16.63 -34.69 27.33
C GLY B 553 15.97 -34.84 25.98
N PRO B 554 16.53 -34.19 24.95
CA PRO B 554 15.97 -34.23 23.60
C PRO B 554 15.83 -35.65 23.06
N ALA B 555 14.67 -35.94 22.48
CA ALA B 555 14.42 -37.25 21.87
C ALA B 555 13.47 -37.11 20.69
N VAL B 556 13.73 -37.88 19.64
CA VAL B 556 12.90 -37.86 18.43
C VAL B 556 12.39 -39.26 18.12
N VAL B 557 11.10 -39.36 17.81
CA VAL B 557 10.48 -40.63 17.44
C VAL B 557 9.86 -40.53 16.06
N ALA B 558 10.27 -41.41 15.16
CA ALA B 558 9.71 -41.49 13.82
C ALA B 558 8.57 -42.51 13.80
N ILE B 559 7.40 -42.06 13.36
CA ILE B 559 6.21 -42.91 13.36
C ILE B 559 5.59 -42.99 11.96
N PRO B 560 5.85 -44.09 11.23
CA PRO B 560 5.19 -44.33 9.95
C PRO B 560 3.67 -44.35 10.09
N VAL B 561 2.97 -43.68 9.18
CA VAL B 561 1.52 -43.53 9.28
C VAL B 561 0.80 -43.86 7.98
N ASP B 562 -0.35 -44.50 8.09
CA ASP B 562 -1.20 -44.83 6.95
C ASP B 562 -2.36 -43.84 6.86
N TYR B 563 -2.26 -42.91 5.91
CA TYR B 563 -3.23 -41.82 5.78
C TYR B 563 -4.41 -42.16 4.88
N ARG B 564 -4.62 -43.44 4.60
CA ARG B 564 -5.67 -43.86 3.67
C ARG B 564 -7.07 -43.44 4.11
N ASP B 565 -7.27 -43.27 5.42
CA ASP B 565 -8.59 -42.92 5.95
C ASP B 565 -8.81 -41.41 6.04
N ASN B 566 -7.80 -40.63 5.68
CA ASN B 566 -7.88 -39.17 5.84
C ASN B 566 -9.00 -38.48 5.08
N PRO B 567 -9.28 -38.91 3.83
CA PRO B 567 -10.39 -38.28 3.11
C PRO B 567 -11.71 -38.31 3.87
N LEU B 568 -11.88 -39.30 4.74
CA LEU B 568 -13.08 -39.41 5.57
C LEU B 568 -13.10 -38.34 6.65
N LEU B 569 -11.92 -37.97 7.14
CA LEU B 569 -11.81 -36.98 8.20
C LEU B 569 -12.02 -35.57 7.68
N MET B 570 -11.45 -35.28 6.52
CA MET B 570 -11.52 -33.93 5.97
C MET B 570 -12.93 -33.56 5.53
N GLY B 571 -13.77 -34.57 5.31
CA GLY B 571 -15.17 -34.34 5.00
C GLY B 571 -15.93 -33.77 6.18
N GLN B 572 -15.35 -33.89 7.37
CA GLN B 572 -15.97 -33.35 8.58
C GLN B 572 -15.57 -31.89 8.80
N LEU B 573 -14.77 -31.34 7.90
CA LEU B 573 -14.28 -29.97 8.02
C LEU B 573 -15.20 -28.99 7.29
N HIS B 574 -14.89 -27.70 7.41
CA HIS B 574 -15.67 -26.65 6.76
C HIS B 574 -15.22 -26.47 5.31
#